data_5BMX
#
_entry.id   5BMX
#
_cell.length_a   50.640
_cell.length_b   106.720
_cell.length_c   179.620
_cell.angle_alpha   90.000
_cell.angle_beta   90.000
_cell.angle_gamma   90.000
#
_symmetry.space_group_name_H-M   'P 21 21 21'
#
loop_
_entity.id
_entity.type
_entity.pdbx_description
1 polymer 'Triosephosphate isomerase'
2 non-polymer 1,2-ETHANEDIOL
3 non-polymer 'SODIUM ION'
4 non-polymer 'SULFATE ION'
5 water water
#
_entity_poly.entity_id   1
_entity_poly.type   'polypeptide(L)'
_entity_poly.pdbx_seq_one_letter_code
;MARKYFVAANWKCNGTLESIKSLTNSFNNLDFDPSKLDVVVFPVSVHYDHTRKLLQSKFSTGIQNVSKFGNGSYNGEVSA
EIAKDLNIEYVIIGHFERRKYFHETDEDVREKLQASLKNNLKAVVCFGESLEQREQNKTIEVITKQVKAFVDLIDNFDNV
ILVYEPLWAIGTGKTATPEQAQLVHKEIRKIVKDTCGEKQANQIRILYGGSVNTENCSSLIQQEDIDGFLVGNASLKESF
VDIIKSAM
;
_entity_poly.pdbx_strand_id   A,B,C,D
#
loop_
_chem_comp.id
_chem_comp.type
_chem_comp.name
_chem_comp.formula
EDO non-polymer 1,2-ETHANEDIOL 'C2 H6 O2'
NA non-polymer 'SODIUM ION' 'Na 1'
SO4 non-polymer 'SULFATE ION' 'O4 S -2'
#
# COMPACT_ATOMS: atom_id res chain seq x y z
N ALA A 2 33.47 7.74 4.97
CA ALA A 2 33.20 9.04 5.65
C ALA A 2 31.98 9.71 5.01
N ARG A 3 31.19 10.42 5.81
CA ARG A 3 30.00 11.08 5.28
C ARG A 3 30.45 12.25 4.39
N LYS A 4 29.72 12.49 3.31
CA LYS A 4 29.94 13.64 2.46
C LYS A 4 29.37 14.91 3.13
N TYR A 5 30.19 15.93 3.33
CA TYR A 5 29.67 17.14 3.94
C TYR A 5 28.66 17.84 3.02
N PHE A 6 27.82 18.70 3.63
CA PHE A 6 26.65 19.20 2.92
C PHE A 6 26.43 20.61 3.43
N VAL A 7 26.49 21.61 2.55
CA VAL A 7 26.43 23.00 2.98
C VAL A 7 25.31 23.63 2.17
N ALA A 8 24.33 24.16 2.86
CA ALA A 8 23.16 24.66 2.15
C ALA A 8 22.89 26.10 2.49
N ALA A 9 22.51 26.83 1.44
CA ALA A 9 22.10 28.20 1.54
C ALA A 9 20.57 28.28 1.57
N ASN A 10 19.97 28.67 2.70
CA ASN A 10 18.57 28.94 2.71
C ASN A 10 18.31 30.46 2.63
N TRP A 11 17.94 30.90 1.42
CA TRP A 11 17.74 32.31 1.19
C TRP A 11 16.48 32.82 1.86
N LYS A 12 15.59 31.91 2.28
CA LYS A 12 14.32 32.30 2.91
C LYS A 12 13.64 33.30 1.99
N CYS A 13 12.94 34.29 2.53
CA CYS A 13 12.14 35.12 1.63
C CYS A 13 12.97 36.40 1.25
N ASN A 14 14.01 36.20 0.45
CA ASN A 14 14.93 37.30 0.17
C ASN A 14 15.39 37.18 -1.25
N GLY A 15 15.65 38.32 -1.85
CA GLY A 15 16.33 38.36 -3.18
C GLY A 15 15.56 39.22 -4.19
N THR A 16 16.32 39.84 -5.12
CA THR A 16 15.69 40.36 -6.35
C THR A 16 16.39 39.67 -7.49
N LEU A 17 15.88 39.86 -8.72
CA LEU A 17 16.59 39.23 -9.83
C LEU A 17 18.00 39.72 -9.88
N GLU A 18 18.19 41.01 -9.66
CA GLU A 18 19.55 41.56 -9.75
C GLU A 18 20.45 41.10 -8.62
N SER A 19 19.92 40.99 -7.41
CA SER A 19 20.81 40.62 -6.28
C SER A 19 21.26 39.16 -6.45
N ILE A 20 20.36 38.33 -6.97
CA ILE A 20 20.70 36.93 -7.31
C ILE A 20 21.74 36.83 -8.40
N LYS A 21 21.64 37.66 -9.45
CA LYS A 21 22.64 37.63 -10.46
C LYS A 21 24.02 37.90 -9.88
N SER A 22 24.11 38.95 -9.03
CA SER A 22 25.38 39.34 -8.40
C SER A 22 25.88 38.19 -7.50
N LEU A 23 24.96 37.66 -6.69
CA LEU A 23 25.37 36.66 -5.69
C LEU A 23 25.86 35.37 -6.33
N THR A 24 25.09 34.92 -7.35
CA THR A 24 25.38 33.65 -8.01
C THR A 24 26.70 33.80 -8.77
N ASN A 25 26.94 34.95 -9.38
CA ASN A 25 28.23 35.18 -9.98
C ASN A 25 29.39 35.00 -8.97
N SER A 26 29.23 35.48 -7.74
CA SER A 26 30.33 35.30 -6.76
C SER A 26 30.46 33.86 -6.34
N PHE A 27 29.32 33.18 -6.15
CA PHE A 27 29.32 31.75 -5.86
C PHE A 27 30.00 30.98 -6.93
N ASN A 28 29.76 31.31 -8.21
CA ASN A 28 30.32 30.49 -9.31
C ASN A 28 31.85 30.60 -9.38
N ASN A 29 32.40 31.64 -8.77
CA ASN A 29 33.86 31.86 -8.75
C ASN A 29 34.57 30.93 -7.77
N LEU A 30 33.83 30.24 -6.88
CA LEU A 30 34.49 29.25 -6.01
C LEU A 30 34.67 27.95 -6.75
N ASP A 31 35.90 27.49 -6.84
CA ASP A 31 36.19 26.23 -7.53
C ASP A 31 36.13 25.11 -6.49
N PHE A 32 35.09 24.29 -6.51
CA PHE A 32 35.01 23.19 -5.64
C PHE A 32 34.50 21.99 -6.43
N ASP A 33 34.66 20.82 -5.84
CA ASP A 33 34.35 19.57 -6.53
C ASP A 33 33.11 18.98 -5.89
N PRO A 34 32.00 18.95 -6.65
CA PRO A 34 30.70 18.50 -6.09
C PRO A 34 30.63 16.99 -5.85
N SER A 35 31.65 16.22 -6.27
CA SER A 35 31.71 14.82 -5.83
C SER A 35 32.31 14.72 -4.44
N LYS A 36 32.91 15.81 -3.92
CA LYS A 36 33.52 15.81 -2.59
C LYS A 36 32.74 16.55 -1.51
N LEU A 37 31.78 17.36 -1.92
CA LEU A 37 30.83 17.94 -0.97
C LEU A 37 29.57 18.33 -1.76
N ASP A 38 28.45 18.35 -1.07
CA ASP A 38 27.20 18.84 -1.64
C ASP A 38 27.04 20.28 -1.27
N VAL A 39 26.68 21.12 -2.25
CA VAL A 39 26.40 22.54 -1.93
C VAL A 39 25.05 22.83 -2.58
N VAL A 40 24.07 23.26 -1.78
CA VAL A 40 22.72 23.35 -2.30
C VAL A 40 22.19 24.71 -2.05
N VAL A 41 21.54 25.32 -3.04
CA VAL A 41 20.98 26.67 -2.81
C VAL A 41 19.46 26.57 -2.88
N PHE A 42 18.77 27.27 -1.98
CA PHE A 42 17.27 27.14 -1.84
C PHE A 42 16.72 28.57 -1.96
N PRO A 43 16.54 29.01 -3.21
CA PRO A 43 15.88 30.28 -3.44
C PRO A 43 14.37 30.20 -3.21
N VAL A 44 13.75 31.36 -3.19
CA VAL A 44 12.30 31.44 -3.24
C VAL A 44 11.75 30.71 -4.51
N SER A 45 10.56 30.12 -4.42
CA SER A 45 9.97 29.39 -5.51
C SER A 45 9.99 30.12 -6.84
N VAL A 46 9.55 31.36 -6.86
CA VAL A 46 9.50 32.13 -8.09
C VAL A 46 10.86 32.57 -8.56
N HIS A 47 11.88 32.37 -7.74
CA HIS A 47 13.24 32.62 -8.17
C HIS A 47 14.01 31.37 -8.57
N TYR A 48 13.34 30.23 -8.49
CA TYR A 48 14.04 28.96 -8.75
C TYR A 48 14.60 28.90 -10.16
N ASP A 49 13.80 29.22 -11.17
CA ASP A 49 14.31 29.09 -12.53
C ASP A 49 15.53 29.99 -12.82
N HIS A 50 15.42 31.24 -12.37
CA HIS A 50 16.49 32.28 -12.53
C HIS A 50 17.72 31.82 -11.81
N THR A 51 17.53 31.32 -10.60
CA THR A 51 18.70 30.87 -9.82
C THR A 51 19.39 29.63 -10.42
N ARG A 52 18.58 28.66 -10.80
CA ARG A 52 19.09 27.44 -11.46
C ARG A 52 19.86 27.75 -12.73
N LYS A 53 19.35 28.70 -13.52
CA LYS A 53 20.04 29.08 -14.73
C LYS A 53 21.35 29.76 -14.44
N LEU A 54 21.40 30.64 -13.44
CA LEU A 54 22.61 31.35 -13.15
C LEU A 54 23.73 30.57 -12.47
N LEU A 55 23.34 29.63 -11.60
CA LEU A 55 24.40 28.86 -10.89
C LEU A 55 24.99 27.79 -11.79
N GLN A 56 26.30 27.59 -11.68
CA GLN A 56 26.90 26.45 -12.38
C GLN A 56 26.42 25.10 -11.84
N SER A 57 26.61 24.06 -12.65
CA SER A 57 26.02 22.76 -12.38
C SER A 57 26.59 22.12 -11.09
N LYS A 58 27.77 22.59 -10.66
CA LYS A 58 28.35 22.04 -9.41
C LYS A 58 27.48 22.37 -8.18
N PHE A 59 26.65 23.44 -8.28
CA PHE A 59 25.69 23.79 -7.20
C PHE A 59 24.42 23.01 -7.42
N SER A 60 23.93 22.38 -6.35
CA SER A 60 22.60 21.79 -6.38
C SER A 60 21.57 22.86 -6.02
N THR A 61 20.30 22.62 -6.30
CA THR A 61 19.28 23.62 -5.94
C THR A 61 18.05 22.92 -5.43
N GLY A 62 17.20 23.62 -4.70
CA GLY A 62 16.00 22.95 -4.17
C GLY A 62 15.02 24.08 -3.80
N ILE A 63 13.90 23.72 -3.22
CA ILE A 63 12.88 24.72 -2.78
C ILE A 63 12.65 24.60 -1.31
N GLN A 64 12.07 25.64 -0.72
CA GLN A 64 12.06 25.75 0.73
C GLN A 64 10.91 25.01 1.42
N ASN A 65 10.00 24.50 0.63
CA ASN A 65 8.79 23.81 1.18
C ASN A 65 8.19 23.01 0.04
N VAL A 66 7.35 22.00 0.35
CA VAL A 66 6.68 21.18 -0.64
C VAL A 66 5.29 20.84 -0.05
N SER A 67 4.31 20.60 -0.88
CA SER A 67 2.96 20.31 -0.40
C SER A 67 2.86 18.89 0.20
N LYS A 68 1.98 18.72 1.20
CA LYS A 68 1.56 17.42 1.70
C LYS A 68 0.53 16.80 0.78
N PHE A 69 -0.02 17.55 -0.17
CA PHE A 69 -1.01 17.01 -1.08
C PHE A 69 -0.37 16.73 -2.44
N GLY A 70 -0.95 15.85 -3.20
CA GLY A 70 -0.46 15.74 -4.61
C GLY A 70 -1.12 16.86 -5.43
N ASN A 71 -1.17 16.63 -6.75
CA ASN A 71 -1.80 17.59 -7.69
C ASN A 71 -3.26 17.68 -7.51
N GLY A 72 -3.81 18.85 -7.75
CA GLY A 72 -5.28 19.00 -7.66
C GLY A 72 -5.66 20.33 -7.10
N SER A 73 -6.85 20.40 -6.50
CA SER A 73 -7.41 21.66 -5.97
C SER A 73 -6.82 22.06 -4.63
N TYR A 74 -5.55 22.52 -4.70
CA TYR A 74 -4.89 23.00 -3.48
C TYR A 74 -4.23 24.29 -3.90
N ASN A 75 -5.05 25.33 -3.98
CA ASN A 75 -4.58 26.64 -4.40
C ASN A 75 -3.34 27.08 -3.65
N GLY A 76 -2.31 27.50 -4.38
CA GLY A 76 -1.09 28.02 -3.64
C GLY A 76 0.01 27.01 -3.35
N GLU A 77 -0.29 25.72 -3.54
CA GLU A 77 0.69 24.64 -3.13
C GLU A 77 1.52 24.17 -4.33
N VAL A 78 2.70 23.60 -4.05
CA VAL A 78 3.61 23.07 -5.08
C VAL A 78 3.73 21.57 -4.69
N SER A 79 3.22 20.70 -5.53
CA SER A 79 3.32 19.27 -5.28
C SER A 79 4.68 18.70 -5.59
N ALA A 80 4.96 17.60 -4.89
CA ALA A 80 6.20 16.92 -5.11
C ALA A 80 6.25 16.47 -6.59
N GLU A 81 5.06 16.10 -7.16
CA GLU A 81 5.04 15.65 -8.58
C GLU A 81 5.49 16.80 -9.48
N ILE A 82 5.01 18.00 -9.14
CA ILE A 82 5.44 19.18 -9.91
C ILE A 82 6.97 19.43 -9.81
N ALA A 83 7.51 19.33 -8.59
CA ALA A 83 8.91 19.58 -8.39
C ALA A 83 9.73 18.54 -9.18
N LYS A 84 9.29 17.28 -9.16
CA LYS A 84 10.02 16.24 -9.89
C LYS A 84 10.05 16.54 -11.42
N ASP A 85 8.92 16.99 -11.92
CA ASP A 85 8.84 17.27 -13.38
C ASP A 85 9.76 18.44 -13.76
N LEU A 86 10.04 19.32 -12.81
CA LEU A 86 11.00 20.41 -13.01
C LEU A 86 12.48 20.05 -12.68
N ASN A 87 12.68 18.81 -12.26
CA ASN A 87 13.96 18.34 -11.78
C ASN A 87 14.49 19.14 -10.60
N ILE A 88 13.58 19.57 -9.72
CA ILE A 88 13.99 20.25 -8.48
C ILE A 88 14.55 19.18 -7.57
N GLU A 89 15.81 19.29 -7.18
CA GLU A 89 16.44 18.12 -6.59
C GLU A 89 16.11 17.95 -5.09
N TYR A 90 16.10 19.07 -4.35
CA TYR A 90 15.93 19.07 -2.90
C TYR A 90 14.73 19.87 -2.46
N VAL A 91 14.14 19.45 -1.36
CA VAL A 91 13.13 20.25 -0.66
C VAL A 91 13.46 20.35 0.83
N ILE A 92 13.15 21.49 1.42
CA ILE A 92 13.26 21.64 2.90
C ILE A 92 11.91 21.32 3.49
N ILE A 93 11.90 20.48 4.56
CA ILE A 93 10.61 20.13 5.17
C ILE A 93 10.71 20.38 6.70
N GLY A 94 9.68 20.97 7.32
CA GLY A 94 9.67 21.02 8.78
C GLY A 94 10.49 22.18 9.37
N HIS A 95 10.93 23.11 8.52
CA HIS A 95 11.67 24.30 9.00
C HIS A 95 10.90 24.99 10.12
N PHE A 96 11.60 25.42 11.15
CA PHE A 96 10.82 25.95 12.34
C PHE A 96 9.88 27.12 12.01
N GLU A 97 10.23 27.90 10.99
CA GLU A 97 9.35 29.03 10.55
C GLU A 97 8.01 28.53 10.02
N ARG A 98 7.99 27.36 9.40
CA ARG A 98 6.70 26.77 8.95
C ARG A 98 5.92 26.20 10.12
N ARG A 99 6.65 25.66 11.10
CA ARG A 99 5.94 25.15 12.28
C ARG A 99 5.43 26.35 13.09
N LYS A 100 6.16 27.47 13.12
CA LYS A 100 5.82 28.64 13.97
C LYS A 100 4.69 29.45 13.35
N TYR A 101 4.90 29.90 12.13
CA TYR A 101 3.95 30.85 11.51
C TYR A 101 2.81 30.14 10.77
N PHE A 102 3.03 28.89 10.33
CA PHE A 102 2.11 28.23 9.43
C PHE A 102 1.54 26.91 9.99
N HIS A 103 1.75 26.69 11.28
CA HIS A 103 1.15 25.59 12.06
C HIS A 103 1.45 24.20 11.48
N GLU A 104 2.57 24.08 10.81
CA GLU A 104 2.97 22.79 10.36
C GLU A 104 3.25 21.82 11.56
N THR A 105 2.67 20.63 11.48
CA THR A 105 2.79 19.61 12.52
C THR A 105 3.73 18.46 12.15
N ASP A 106 4.01 17.56 13.10
CA ASP A 106 4.81 16.41 12.82
C ASP A 106 4.12 15.59 11.78
N GLU A 107 2.78 15.46 11.86
CA GLU A 107 2.03 14.64 10.88
C GLU A 107 2.23 15.22 9.45
N ASP A 108 2.17 16.56 9.36
CA ASP A 108 2.51 17.29 8.08
C ASP A 108 3.93 16.95 7.61
N VAL A 109 4.91 17.00 8.52
CA VAL A 109 6.26 16.69 8.11
C VAL A 109 6.33 15.20 7.54
N ARG A 110 5.72 14.27 8.24
CA ARG A 110 5.72 12.88 7.78
C ARG A 110 5.13 12.78 6.36
N GLU A 111 3.96 13.41 6.16
CA GLU A 111 3.26 13.31 4.85
C GLU A 111 4.07 13.99 3.72
N LYS A 112 4.72 15.11 4.07
CA LYS A 112 5.54 15.80 3.03
C LYS A 112 6.78 14.96 2.68
N LEU A 113 7.37 14.29 3.71
CA LEU A 113 8.53 13.46 3.42
C LEU A 113 8.10 12.29 2.52
N GLN A 114 6.95 11.71 2.86
CA GLN A 114 6.47 10.56 2.11
C GLN A 114 6.21 10.97 0.65
N ALA A 115 5.54 12.09 0.46
CA ALA A 115 5.30 12.61 -0.93
C ALA A 115 6.62 12.83 -1.66
N SER A 116 7.63 13.33 -0.91
CA SER A 116 8.88 13.74 -1.55
C SER A 116 9.61 12.51 -2.00
N LEU A 117 9.69 11.48 -1.10
CA LEU A 117 10.47 10.30 -1.49
C LEU A 117 9.73 9.53 -2.58
N LYS A 118 8.40 9.55 -2.54
CA LYS A 118 7.57 8.87 -3.60
C LYS A 118 7.89 9.47 -5.03
N ASN A 119 8.27 10.73 -5.05
CA ASN A 119 8.59 11.50 -6.27
C ASN A 119 10.08 11.72 -6.50
N ASN A 120 10.90 10.94 -5.83
CA ASN A 120 12.37 10.97 -6.05
C ASN A 120 12.98 12.32 -5.76
N LEU A 121 12.41 13.04 -4.78
CA LEU A 121 13.07 14.30 -4.33
C LEU A 121 13.97 13.91 -3.16
N LYS A 122 15.02 14.69 -2.93
CA LYS A 122 15.81 14.52 -1.67
C LYS A 122 15.31 15.54 -0.68
N ALA A 123 15.27 15.17 0.59
CA ALA A 123 14.64 16.02 1.62
C ALA A 123 15.60 16.44 2.67
N VAL A 124 15.49 17.73 3.06
CA VAL A 124 16.26 18.25 4.14
C VAL A 124 15.25 18.51 5.24
N VAL A 125 15.29 17.72 6.32
CA VAL A 125 14.11 17.71 7.23
C VAL A 125 14.59 18.29 8.56
N CYS A 126 13.89 19.31 9.10
CA CYS A 126 14.35 20.10 10.23
C CYS A 126 13.48 19.85 11.46
N PHE A 127 14.07 19.98 12.64
CA PHE A 127 13.39 19.78 13.94
C PHE A 127 14.28 20.41 15.02
N GLY A 128 13.76 20.49 16.22
CA GLY A 128 14.54 21.13 17.27
C GLY A 128 13.66 21.61 18.36
N GLU A 129 14.23 21.70 19.59
CA GLU A 129 13.44 22.16 20.77
C GLU A 129 13.54 23.65 21.13
N SER A 130 12.46 24.16 21.78
CA SER A 130 12.39 25.53 22.21
C SER A 130 13.17 25.82 23.48
N LEU A 131 13.36 27.10 23.78
CA LEU A 131 13.98 27.47 25.02
C LEU A 131 13.23 26.87 26.19
N GLU A 132 11.89 26.94 26.17
CA GLU A 132 11.11 26.40 27.34
C GLU A 132 11.30 24.88 27.48
N GLN A 133 11.37 24.22 26.34
CA GLN A 133 11.59 22.79 26.37
C GLN A 133 12.99 22.49 26.89
N ARG A 134 13.97 23.26 26.46
CA ARG A 134 15.36 22.97 26.92
C ARG A 134 15.48 23.25 28.44
N GLU A 135 14.81 24.30 28.91
CA GLU A 135 14.90 24.69 30.34
C GLU A 135 14.19 23.71 31.25
N GLN A 136 13.26 22.95 30.69
CA GLN A 136 12.61 21.87 31.41
C GLN A 136 13.31 20.55 31.20
N ASN A 137 14.52 20.60 30.64
CA ASN A 137 15.31 19.41 30.40
C ASN A 137 14.56 18.36 29.57
N LYS A 138 13.87 18.83 28.51
CA LYS A 138 13.07 17.94 27.64
C LYS A 138 13.65 17.81 26.22
N THR A 139 14.93 18.15 26.07
CA THR A 139 15.58 18.16 24.76
C THR A 139 15.45 16.78 24.11
N ILE A 140 15.94 15.74 24.79
CA ILE A 140 15.85 14.42 24.20
C ILE A 140 14.43 13.96 23.95
N GLU A 141 13.52 14.16 24.90
CA GLU A 141 12.11 13.73 24.71
C GLU A 141 11.54 14.38 23.41
N VAL A 142 11.74 15.71 23.30
CA VAL A 142 11.20 16.52 22.18
C VAL A 142 11.83 16.09 20.84
N ILE A 143 13.13 16.06 20.82
CA ILE A 143 13.83 15.63 19.60
C ILE A 143 13.53 14.19 19.14
N THR A 144 13.47 13.26 20.09
CA THR A 144 13.09 11.88 19.74
C THR A 144 11.68 11.84 19.11
N LYS A 145 10.73 12.61 19.68
CA LYS A 145 9.38 12.55 19.23
C LYS A 145 9.35 13.12 17.77
N GLN A 146 10.01 14.24 17.60
CA GLN A 146 10.05 14.86 16.29
C GLN A 146 10.76 14.02 15.27
N VAL A 147 11.93 13.41 15.58
CA VAL A 147 12.59 12.55 14.62
C VAL A 147 11.78 11.25 14.36
N LYS A 148 11.30 10.61 15.43
CA LYS A 148 10.45 9.44 15.20
C LYS A 148 9.17 9.67 14.40
N ALA A 149 8.73 10.93 14.28
CA ALA A 149 7.60 11.23 13.41
C ALA A 149 7.84 10.83 11.96
N PHE A 150 9.10 10.68 11.51
CA PHE A 150 9.30 10.50 10.06
C PHE A 150 10.41 9.56 9.71
N VAL A 151 11.32 9.28 10.64
CA VAL A 151 12.61 8.73 10.22
C VAL A 151 12.49 7.32 9.64
N ASP A 152 11.46 6.61 10.08
CA ASP A 152 11.27 5.22 9.62
C ASP A 152 10.90 5.18 8.14
N LEU A 153 10.50 6.31 7.57
CA LEU A 153 10.23 6.41 6.15
C LEU A 153 11.46 6.48 5.25
N ILE A 154 12.62 6.83 5.80
CA ILE A 154 13.81 6.98 5.01
C ILE A 154 14.27 5.69 4.33
N ASP A 155 14.35 5.74 3.00
CA ASP A 155 14.67 4.54 2.20
C ASP A 155 16.07 4.59 1.57
N ASN A 156 16.78 5.70 1.73
CA ASN A 156 18.04 5.87 1.13
C ASN A 156 18.71 6.98 2.00
N PHE A 157 19.80 6.63 2.66
CA PHE A 157 20.38 7.51 3.66
C PHE A 157 21.31 8.58 3.13
N ASP A 158 21.44 8.62 1.83
CA ASP A 158 22.08 9.77 1.17
C ASP A 158 21.06 10.83 0.82
N ASN A 159 19.82 10.40 0.66
CA ASN A 159 18.78 11.29 0.06
C ASN A 159 17.94 12.03 1.07
N VAL A 160 18.05 11.67 2.34
CA VAL A 160 17.42 12.45 3.41
C VAL A 160 18.55 12.98 4.31
N ILE A 161 18.44 14.26 4.65
CA ILE A 161 19.48 15.00 5.39
C ILE A 161 18.75 15.62 6.58
N LEU A 162 19.25 15.45 7.82
CA LEU A 162 18.53 15.96 9.00
C LEU A 162 19.11 17.30 9.38
N VAL A 163 18.32 18.16 10.02
CA VAL A 163 18.85 19.50 10.40
C VAL A 163 18.34 19.75 11.84
N TYR A 164 19.30 19.93 12.74
CA TYR A 164 18.97 20.30 14.11
C TYR A 164 18.95 21.82 14.19
N GLU A 165 17.77 22.36 14.56
CA GLU A 165 17.60 23.78 14.70
C GLU A 165 17.46 24.05 16.19
N PRO A 166 18.47 24.69 16.78
CA PRO A 166 18.42 24.92 18.25
C PRO A 166 17.56 26.13 18.49
N LEU A 167 16.26 25.94 18.48
CA LEU A 167 15.33 27.06 18.64
C LEU A 167 15.51 27.84 19.96
N TRP A 168 15.94 27.16 21.03
CA TRP A 168 16.35 27.80 22.29
C TRP A 168 17.47 28.80 22.17
N ALA A 169 18.21 28.76 21.05
CA ALA A 169 19.34 29.63 20.71
C ALA A 169 19.13 30.50 19.44
N ILE A 170 17.87 30.69 19.10
CA ILE A 170 17.52 31.46 17.92
C ILE A 170 16.59 32.55 18.43
N GLY A 171 17.08 33.78 18.41
CA GLY A 171 16.24 34.91 18.86
C GLY A 171 15.95 34.98 20.34
N THR A 172 16.72 34.24 21.13
CA THR A 172 16.47 34.20 22.55
C THR A 172 17.52 34.96 23.35
N GLY A 173 18.62 35.37 22.74
CA GLY A 173 19.79 35.84 23.54
C GLY A 173 20.73 34.72 24.00
N LYS A 174 20.36 33.43 23.83
CA LYS A 174 21.30 32.32 24.09
C LYS A 174 22.11 31.92 22.84
N THR A 175 23.32 31.42 23.05
CA THR A 175 24.20 30.98 21.96
C THR A 175 24.56 29.51 22.19
N ALA A 176 24.30 28.65 21.20
CA ALA A 176 24.73 27.24 21.36
C ALA A 176 26.22 27.15 21.08
N THR A 177 26.92 26.40 21.90
CA THR A 177 28.35 26.24 21.64
C THR A 177 28.48 25.08 20.66
N PRO A 178 29.63 24.96 19.99
CA PRO A 178 29.77 23.76 19.12
C PRO A 178 29.72 22.43 19.92
N GLU A 179 30.20 22.45 21.15
CA GLU A 179 30.11 21.25 21.98
C GLU A 179 28.69 20.85 22.34
N GLN A 180 27.83 21.83 22.64
CA GLN A 180 26.44 21.54 22.91
C GLN A 180 25.73 20.95 21.69
N ALA A 181 26.01 21.54 20.55
CA ALA A 181 25.46 21.04 19.29
C ALA A 181 25.92 19.62 18.99
N GLN A 182 27.24 19.36 19.07
CA GLN A 182 27.75 18.01 18.88
C GLN A 182 26.97 16.99 19.73
N LEU A 183 26.67 17.30 21.01
CA LEU A 183 25.98 16.28 21.83
C LEU A 183 24.56 15.94 21.30
N VAL A 184 23.87 16.97 20.82
CA VAL A 184 22.55 16.83 20.27
C VAL A 184 22.67 16.05 18.96
N HIS A 185 23.67 16.36 18.13
CA HIS A 185 23.87 15.56 16.89
C HIS A 185 24.14 14.10 17.15
N LYS A 186 24.97 13.83 18.16
CA LYS A 186 25.24 12.44 18.49
C LYS A 186 23.97 11.74 18.92
N GLU A 187 23.11 12.42 19.66
CA GLU A 187 21.83 11.83 20.09
C GLU A 187 20.86 11.61 18.94
N ILE A 188 20.90 12.54 17.99
CA ILE A 188 20.05 12.33 16.80
C ILE A 188 20.55 11.10 16.07
N ARG A 189 21.87 10.98 15.99
CA ARG A 189 22.38 9.84 15.27
C ARG A 189 22.01 8.52 15.96
N LYS A 190 21.98 8.52 17.29
CA LYS A 190 21.53 7.35 18.07
C LYS A 190 20.09 6.97 17.84
N ILE A 191 19.20 7.98 17.76
CA ILE A 191 17.81 7.72 17.31
C ILE A 191 17.73 7.04 15.97
N VAL A 192 18.51 7.54 14.98
CA VAL A 192 18.51 6.91 13.67
C VAL A 192 19.01 5.47 13.78
N LYS A 193 20.07 5.22 14.56
CA LYS A 193 20.62 3.83 14.66
C LYS A 193 19.55 2.90 15.18
N ASP A 194 18.81 3.36 16.19
CA ASP A 194 17.78 2.54 16.84
C ASP A 194 16.59 2.21 15.98
N THR A 195 16.20 3.08 15.07
CA THR A 195 15.04 2.84 14.18
C THR A 195 15.47 2.27 12.86
N CYS A 196 16.61 2.71 12.34
CA CYS A 196 16.92 2.42 10.96
C CYS A 196 18.12 1.51 10.81
N GLY A 197 18.98 1.47 11.81
CA GLY A 197 20.19 0.64 11.72
C GLY A 197 21.50 1.39 11.80
N GLU A 198 22.58 0.67 12.14
CA GLU A 198 23.86 1.35 12.40
C GLU A 198 24.55 1.87 11.15
N LYS A 199 24.60 1.08 10.08
CA LYS A 199 25.16 1.55 8.81
C LYS A 199 24.37 2.78 8.32
N GLN A 200 23.04 2.70 8.49
CA GLN A 200 22.14 3.82 8.07
C GLN A 200 22.48 5.11 8.89
N ALA A 201 22.60 4.97 10.19
CA ALA A 201 22.91 6.13 11.08
C ALA A 201 24.30 6.69 10.74
N ASN A 202 25.27 5.81 10.46
CA ASN A 202 26.59 6.29 10.05
C ASN A 202 26.69 7.02 8.70
N GLN A 203 25.72 6.76 7.83
CA GLN A 203 25.68 7.30 6.46
C GLN A 203 24.91 8.67 6.44
N ILE A 204 23.88 8.80 7.28
CA ILE A 204 23.01 10.04 7.16
C ILE A 204 23.73 11.32 7.59
N ARG A 205 23.54 12.41 6.82
CA ARG A 205 24.14 13.68 7.19
C ARG A 205 23.14 14.37 8.16
N ILE A 206 23.72 14.95 9.21
CA ILE A 206 22.97 15.69 10.19
C ILE A 206 23.65 17.08 10.24
N LEU A 207 22.87 18.08 9.89
CA LEU A 207 23.41 19.46 9.73
C LEU A 207 23.01 20.27 10.91
N TYR A 208 23.86 21.25 11.22
CA TYR A 208 23.47 22.21 12.22
C TYR A 208 22.68 23.34 11.56
N GLY A 209 21.56 23.74 12.15
CA GLY A 209 20.72 24.78 11.49
C GLY A 209 20.48 25.95 12.42
N GLY A 210 21.34 26.15 13.44
CA GLY A 210 21.38 27.43 14.20
C GLY A 210 22.22 28.43 13.43
N SER A 211 22.59 29.54 14.10
CA SER A 211 23.24 30.63 13.37
C SER A 211 24.61 30.24 12.91
N VAL A 212 24.88 30.29 11.59
CA VAL A 212 26.19 29.91 11.10
C VAL A 212 26.72 31.10 10.31
N ASN A 213 27.99 31.43 10.51
CA ASN A 213 28.59 32.53 9.74
C ASN A 213 30.06 32.18 9.45
N THR A 214 30.81 33.06 8.77
CA THR A 214 32.19 32.72 8.39
C THR A 214 33.12 32.53 9.61
N GLU A 215 32.72 33.04 10.78
CA GLU A 215 33.50 32.87 11.97
C GLU A 215 33.33 31.52 12.68
N ASN A 216 32.12 31.04 12.85
CA ASN A 216 31.94 29.86 13.63
C ASN A 216 31.84 28.60 12.80
N CYS A 217 31.79 28.73 11.47
CA CYS A 217 31.53 27.55 10.65
C CYS A 217 32.54 26.40 10.87
N SER A 218 33.82 26.71 10.93
CA SER A 218 34.76 25.59 11.09
C SER A 218 34.62 24.96 12.46
N SER A 219 34.33 25.76 13.52
CA SER A 219 34.31 25.12 14.88
C SER A 219 33.12 24.15 14.92
N LEU A 220 32.13 24.40 14.07
CA LEU A 220 30.96 23.53 14.01
C LEU A 220 31.24 22.29 13.17
N ILE A 221 31.61 22.49 11.92
CA ILE A 221 31.74 21.30 11.05
C ILE A 221 32.88 20.37 11.47
N GLN A 222 33.85 20.89 12.21
CA GLN A 222 34.94 20.00 12.71
C GLN A 222 34.45 19.05 13.84
N GLN A 223 33.26 19.28 14.35
CA GLN A 223 32.68 18.29 15.29
C GLN A 223 32.31 17.01 14.59
N GLU A 224 32.49 15.90 15.32
CA GLU A 224 32.41 14.58 14.69
C GLU A 224 31.04 14.29 14.08
N ASP A 225 29.99 14.78 14.70
CA ASP A 225 28.68 14.36 14.23
C ASP A 225 27.94 15.47 13.49
N ILE A 226 28.65 16.58 13.25
CA ILE A 226 28.02 17.70 12.55
C ILE A 226 28.58 17.67 11.11
N ASP A 227 27.68 17.49 10.17
CA ASP A 227 28.11 17.18 8.80
C ASP A 227 27.94 18.33 7.85
N GLY A 228 27.57 19.51 8.36
CA GLY A 228 27.39 20.69 7.50
C GLY A 228 26.32 21.54 8.12
N PHE A 229 25.70 22.43 7.32
CA PHE A 229 24.82 23.43 7.96
C PHE A 229 23.77 23.77 6.93
N LEU A 230 22.61 24.18 7.45
CA LEU A 230 21.63 24.84 6.62
C LEU A 230 21.72 26.32 7.06
N VAL A 231 22.27 27.16 6.18
CA VAL A 231 22.74 28.51 6.58
C VAL A 231 21.70 29.57 6.21
N GLY A 232 21.48 30.51 7.12
CA GLY A 232 20.47 31.56 6.91
C GLY A 232 21.11 32.80 6.28
N ASN A 233 21.03 33.92 6.98
CA ASN A 233 21.45 35.19 6.35
C ASN A 233 22.86 35.31 5.88
N ALA A 234 23.79 34.59 6.49
CA ALA A 234 25.16 34.52 5.95
C ALA A 234 25.19 34.03 4.51
N SER A 235 24.19 33.23 4.08
CA SER A 235 24.18 32.70 2.71
C SER A 235 23.69 33.72 1.66
N LEU A 236 23.27 34.91 2.11
CA LEU A 236 22.90 36.01 1.21
C LEU A 236 24.13 36.89 0.89
N LYS A 237 25.28 36.55 1.45
CA LYS A 237 26.51 37.39 1.33
C LYS A 237 27.51 36.66 0.43
N GLU A 238 28.34 37.44 -0.30
CA GLU A 238 29.31 36.85 -1.20
C GLU A 238 30.27 36.05 -0.41
N SER A 239 30.43 36.40 0.87
CA SER A 239 31.38 35.68 1.75
C SER A 239 30.87 34.27 2.10
N PHE A 240 29.65 33.93 1.67
CA PHE A 240 29.18 32.54 1.89
C PHE A 240 30.16 31.49 1.32
N VAL A 241 30.92 31.87 0.29
CA VAL A 241 31.91 30.98 -0.22
C VAL A 241 32.91 30.55 0.88
N ASP A 242 33.20 31.43 1.85
CA ASP A 242 34.18 31.04 2.94
C ASP A 242 33.56 30.02 3.87
N ILE A 243 32.23 30.03 3.97
CA ILE A 243 31.55 28.95 4.70
C ILE A 243 31.65 27.62 3.94
N ILE A 244 31.50 27.70 2.63
CA ILE A 244 31.57 26.46 1.84
C ILE A 244 33.03 25.93 1.98
N LYS A 245 34.00 26.87 2.06
CA LYS A 245 35.40 26.43 2.19
C LYS A 245 35.68 25.65 3.45
N SER A 246 34.93 25.86 4.51
CA SER A 246 35.10 25.08 5.77
C SER A 246 34.79 23.59 5.56
N ALA A 247 34.05 23.25 4.50
CA ALA A 247 33.66 21.87 4.15
C ALA A 247 34.54 21.29 3.04
N MET A 248 35.51 22.07 2.53
CA MET A 248 36.38 21.61 1.37
C MET A 248 37.70 20.96 1.75
N ARG B 3 -13.84 0.86 14.86
CA ARG B 3 -13.74 -0.46 14.17
C ARG B 3 -14.09 -1.59 15.15
N LYS B 4 -14.73 -2.64 14.65
CA LYS B 4 -14.96 -3.81 15.46
C LYS B 4 -13.63 -4.64 15.52
N TYR B 5 -13.13 -4.92 16.71
CA TYR B 5 -11.86 -5.64 16.83
C TYR B 5 -12.06 -7.12 16.36
N PHE B 6 -10.96 -7.79 16.05
CA PHE B 6 -11.04 -9.09 15.39
C PHE B 6 -9.85 -9.90 15.93
N VAL B 7 -10.11 -11.03 16.62
CA VAL B 7 -9.06 -11.84 17.26
C VAL B 7 -9.16 -13.19 16.63
N ALA B 8 -8.08 -13.63 16.03
CA ALA B 8 -8.19 -14.92 15.35
C ALA B 8 -7.20 -15.91 15.83
N ALA B 9 -7.62 -17.19 15.93
CA ALA B 9 -6.71 -18.28 16.27
C ALA B 9 -6.30 -19.01 15.01
N ASN B 10 -5.03 -18.97 14.66
CA ASN B 10 -4.56 -19.78 13.58
C ASN B 10 -3.84 -21.02 14.16
N TRP B 11 -4.55 -22.14 14.15
CA TRP B 11 -4.01 -23.34 14.73
C TRP B 11 -2.96 -23.93 13.86
N LYS B 12 -2.77 -23.37 12.67
CA LYS B 12 -1.78 -23.97 11.71
C LYS B 12 -1.89 -25.48 11.62
N CYS B 13 -0.78 -26.22 11.48
CA CYS B 13 -0.87 -27.65 11.30
C CYS B 13 -0.75 -28.38 12.70
N ASN B 14 -1.81 -28.29 13.49
CA ASN B 14 -1.75 -28.84 14.86
C ASN B 14 -3.13 -29.24 15.29
N GLY B 15 -3.18 -30.25 16.16
CA GLY B 15 -4.45 -30.67 16.75
C GLY B 15 -4.66 -32.17 16.65
N THR B 16 -5.35 -32.72 17.63
CA THR B 16 -5.97 -34.07 17.45
C THR B 16 -7.40 -33.88 17.70
N LEU B 17 -8.20 -34.91 17.44
CA LEU B 17 -9.64 -34.77 17.73
C LEU B 17 -9.83 -34.51 19.23
N GLU B 18 -9.08 -35.23 20.04
CA GLU B 18 -9.21 -35.05 21.51
C GLU B 18 -8.71 -33.66 21.99
N SER B 19 -7.59 -33.15 21.47
CA SER B 19 -7.05 -31.87 21.97
C SER B 19 -8.00 -30.74 21.54
N ILE B 20 -8.61 -30.85 20.35
CA ILE B 20 -9.62 -29.90 19.94
C ILE B 20 -10.85 -29.93 20.87
N LYS B 21 -11.35 -31.12 21.20
CA LYS B 21 -12.46 -31.22 22.15
C LYS B 21 -12.17 -30.47 23.45
N SER B 22 -11.00 -30.72 24.01
CA SER B 22 -10.59 -30.10 25.24
C SER B 22 -10.49 -28.58 25.09
N LEU B 23 -9.86 -28.15 23.99
CA LEU B 23 -9.59 -26.73 23.83
C LEU B 23 -10.88 -25.93 23.55
N THR B 24 -11.71 -26.47 22.65
CA THR B 24 -12.98 -25.78 22.30
C THR B 24 -13.87 -25.65 23.52
N ASN B 25 -13.83 -26.65 24.38
CA ASN B 25 -14.57 -26.62 25.64
C ASN B 25 -14.12 -25.46 26.56
N SER B 26 -12.83 -25.18 26.63
CA SER B 26 -12.40 -23.97 27.41
C SER B 26 -12.79 -22.69 26.72
N PHE B 27 -12.66 -22.63 25.40
CA PHE B 27 -13.01 -21.40 24.69
C PHE B 27 -14.48 -21.10 24.93
N ASN B 28 -15.33 -22.15 24.94
CA ASN B 28 -16.75 -21.90 25.03
C ASN B 28 -17.11 -21.27 26.38
N ASN B 29 -16.22 -21.39 27.34
CA ASN B 29 -16.51 -20.81 28.68
C ASN B 29 -16.43 -19.32 28.71
N LEU B 30 -15.77 -18.73 27.72
CA LEU B 30 -15.69 -17.29 27.66
C LEU B 30 -16.94 -16.61 27.15
N ASP B 31 -17.51 -15.73 27.97
CA ASP B 31 -18.72 -15.04 27.61
C ASP B 31 -18.31 -13.71 26.94
N PHE B 32 -18.47 -13.65 25.63
CA PHE B 32 -18.21 -12.42 24.93
C PHE B 32 -19.37 -12.26 23.98
N ASP B 33 -19.51 -11.08 23.43
CA ASP B 33 -20.56 -10.81 22.55
C ASP B 33 -20.09 -10.64 21.15
N PRO B 34 -20.56 -11.48 20.22
CA PRO B 34 -19.99 -11.47 18.89
C PRO B 34 -20.54 -10.37 17.98
N SER B 35 -21.53 -9.58 18.43
CA SER B 35 -21.87 -8.37 17.67
C SER B 35 -20.89 -7.24 18.03
N LYS B 36 -20.17 -7.39 19.13
CA LYS B 36 -19.15 -6.42 19.60
C LYS B 36 -17.70 -6.74 19.13
N LEU B 37 -17.37 -8.02 18.99
CA LEU B 37 -16.00 -8.46 18.80
C LEU B 37 -16.15 -9.65 17.85
N ASP B 38 -15.35 -9.69 16.80
CA ASP B 38 -15.16 -10.90 15.99
C ASP B 38 -14.10 -11.82 16.59
N VAL B 39 -14.40 -13.12 16.76
CA VAL B 39 -13.36 -14.08 17.21
C VAL B 39 -13.46 -15.26 16.26
N VAL B 40 -12.38 -15.55 15.56
CA VAL B 40 -12.43 -16.57 14.49
C VAL B 40 -11.38 -17.64 14.73
N VAL B 41 -11.78 -18.90 14.55
CA VAL B 41 -10.82 -20.00 14.74
C VAL B 41 -10.58 -20.63 13.38
N PHE B 42 -9.32 -21.00 13.10
CA PHE B 42 -8.91 -21.53 11.83
C PHE B 42 -8.26 -22.88 12.05
N PRO B 43 -9.09 -23.95 12.09
CA PRO B 43 -8.47 -25.28 12.24
C PRO B 43 -7.91 -25.79 10.91
N VAL B 44 -7.10 -26.84 10.98
CA VAL B 44 -6.78 -27.65 9.78
C VAL B 44 -8.04 -28.09 8.97
N SER B 45 -7.95 -28.13 7.64
CA SER B 45 -9.10 -28.51 6.85
C SER B 45 -9.91 -29.74 7.32
N VAL B 46 -9.22 -30.84 7.60
CA VAL B 46 -9.88 -32.10 7.96
C VAL B 46 -10.43 -32.04 9.39
N HIS B 47 -10.14 -30.94 10.10
CA HIS B 47 -10.65 -30.75 11.46
C HIS B 47 -11.79 -29.73 11.46
N TYR B 48 -12.08 -29.15 10.30
CA TYR B 48 -13.05 -28.03 10.27
C TYR B 48 -14.41 -28.53 10.80
N ASP B 49 -14.91 -29.65 10.25
CA ASP B 49 -16.26 -30.07 10.72
C ASP B 49 -16.31 -30.29 12.23
N HIS B 50 -15.33 -31.06 12.75
CA HIS B 50 -15.24 -31.33 14.19
C HIS B 50 -15.19 -30.06 15.02
N THR B 51 -14.35 -29.12 14.60
CA THR B 51 -14.17 -27.85 15.32
C THR B 51 -15.44 -26.99 15.30
N ARG B 52 -16.03 -26.86 14.15
CA ARG B 52 -17.28 -26.11 13.99
C ARG B 52 -18.39 -26.68 14.83
N LYS B 53 -18.47 -28.03 14.89
CA LYS B 53 -19.53 -28.62 15.77
C LYS B 53 -19.31 -28.33 17.24
N LEU B 54 -18.04 -28.27 17.63
CA LEU B 54 -17.73 -28.13 19.04
C LEU B 54 -17.73 -26.67 19.55
N LEU B 55 -17.49 -25.70 18.64
CA LEU B 55 -17.47 -24.29 19.09
C LEU B 55 -18.86 -23.73 19.08
N GLN B 56 -19.19 -22.98 20.12
CA GLN B 56 -20.43 -22.15 20.09
C GLN B 56 -20.43 -21.19 18.97
N SER B 57 -21.64 -20.83 18.52
CA SER B 57 -21.82 -19.98 17.34
C SER B 57 -21.19 -18.63 17.46
N LYS B 58 -21.00 -18.16 18.70
CA LYS B 58 -20.31 -16.87 18.91
C LYS B 58 -18.91 -16.87 18.27
N PHE B 59 -18.27 -18.05 18.19
CA PHE B 59 -17.01 -18.15 17.46
C PHE B 59 -17.25 -18.34 15.95
N SER B 60 -16.61 -17.53 15.12
CA SER B 60 -16.61 -17.71 13.68
C SER B 60 -15.53 -18.73 13.38
N THR B 61 -15.64 -19.36 12.22
CA THR B 61 -14.60 -20.35 11.81
C THR B 61 -14.23 -20.13 10.37
N GLY B 62 -13.04 -20.60 10.02
CA GLY B 62 -12.54 -20.39 8.66
C GLY B 62 -11.51 -21.48 8.33
N ILE B 63 -10.96 -21.43 7.13
CA ILE B 63 -9.88 -22.36 6.75
C ILE B 63 -8.65 -21.57 6.43
N GLN B 64 -7.49 -22.21 6.51
CA GLN B 64 -6.18 -21.59 6.44
C GLN B 64 -5.66 -21.23 5.02
N ASN B 65 -6.40 -21.64 4.00
CA ASN B 65 -6.01 -21.43 2.59
C ASN B 65 -7.20 -21.78 1.73
N VAL B 66 -7.22 -21.34 0.45
CA VAL B 66 -8.28 -21.63 -0.47
C VAL B 66 -7.60 -21.66 -1.81
N SER B 67 -8.17 -22.38 -2.74
CA SER B 67 -7.54 -22.54 -4.08
C SER B 67 -7.68 -21.26 -4.93
N LYS B 68 -6.68 -20.99 -5.78
CA LYS B 68 -6.84 -20.04 -6.87
C LYS B 68 -7.66 -20.53 -8.03
N PHE B 69 -7.99 -21.83 -8.06
CA PHE B 69 -8.81 -22.36 -9.14
C PHE B 69 -10.22 -22.66 -8.66
N GLY B 70 -11.12 -22.83 -9.59
CA GLY B 70 -12.54 -23.16 -9.15
C GLY B 70 -12.56 -24.66 -9.16
N ASN B 71 -13.79 -25.22 -9.29
CA ASN B 71 -13.93 -26.65 -9.26
C ASN B 71 -13.28 -27.26 -10.48
N GLY B 72 -12.83 -28.47 -10.31
CA GLY B 72 -12.32 -29.16 -11.51
C GLY B 72 -11.10 -30.00 -11.15
N SER B 73 -10.27 -30.26 -12.15
CA SER B 73 -9.15 -31.26 -12.02
C SER B 73 -7.94 -30.59 -11.41
N TYR B 74 -8.02 -30.36 -10.10
CA TYR B 74 -6.97 -29.69 -9.35
C TYR B 74 -6.85 -30.51 -8.09
N ASN B 75 -6.22 -31.66 -8.24
CA ASN B 75 -6.03 -32.61 -7.13
C ASN B 75 -5.49 -31.95 -5.88
N GLY B 76 -6.16 -32.13 -4.75
CA GLY B 76 -5.69 -31.60 -3.46
C GLY B 76 -6.13 -30.22 -3.10
N GLU B 77 -6.84 -29.53 -3.99
CA GLU B 77 -7.22 -28.12 -3.72
C GLU B 77 -8.64 -28.07 -3.16
N VAL B 78 -8.97 -26.95 -2.51
CA VAL B 78 -10.32 -26.70 -1.99
C VAL B 78 -10.74 -25.38 -2.64
N SER B 79 -11.80 -25.41 -3.43
CA SER B 79 -12.19 -24.18 -4.12
C SER B 79 -13.05 -23.35 -3.20
N ALA B 80 -13.08 -22.07 -3.57
CA ALA B 80 -13.95 -21.20 -2.84
C ALA B 80 -15.41 -21.62 -2.99
N GLU B 81 -15.78 -22.24 -4.13
CA GLU B 81 -17.17 -22.76 -4.31
C GLU B 81 -17.52 -23.83 -3.28
N ILE B 82 -16.57 -24.76 -3.06
CA ILE B 82 -16.75 -25.80 -2.01
C ILE B 82 -16.88 -25.15 -0.65
N ALA B 83 -16.05 -24.16 -0.35
CA ALA B 83 -16.09 -23.57 1.02
C ALA B 83 -17.49 -22.93 1.19
N LYS B 84 -18.01 -22.30 0.12
CA LYS B 84 -19.31 -21.57 0.25
C LYS B 84 -20.42 -22.60 0.46
N ASP B 85 -20.32 -23.75 -0.23
CA ASP B 85 -21.37 -24.77 -0.05
C ASP B 85 -21.32 -25.37 1.38
N LEU B 86 -20.15 -25.31 2.02
CA LEU B 86 -19.99 -25.77 3.39
C LEU B 86 -20.30 -24.64 4.42
N ASN B 87 -20.62 -23.46 3.93
CA ASN B 87 -20.89 -22.24 4.77
C ASN B 87 -19.62 -21.93 5.58
N ILE B 88 -18.44 -22.12 4.97
CA ILE B 88 -17.21 -21.76 5.68
C ILE B 88 -17.12 -20.24 5.59
N GLU B 89 -16.95 -19.58 6.73
CA GLU B 89 -17.12 -18.12 6.70
C GLU B 89 -15.90 -17.31 6.23
N TYR B 90 -14.71 -17.73 6.71
CA TYR B 90 -13.42 -17.05 6.50
C TYR B 90 -12.39 -17.90 5.83
N VAL B 91 -11.51 -17.26 5.09
CA VAL B 91 -10.31 -17.94 4.52
C VAL B 91 -9.09 -17.04 4.80
N ILE B 92 -7.93 -17.62 5.10
CA ILE B 92 -6.66 -16.88 5.21
C ILE B 92 -5.97 -16.99 3.83
N ILE B 93 -5.41 -15.90 3.32
CA ILE B 93 -4.76 -15.90 2.03
C ILE B 93 -3.44 -15.18 2.20
N GLY B 94 -2.36 -15.71 1.58
CA GLY B 94 -1.07 -15.02 1.55
C GLY B 94 -0.28 -15.12 2.86
N HIS B 95 -0.65 -16.07 3.72
CA HIS B 95 0.13 -16.31 4.90
C HIS B 95 1.60 -16.53 4.51
N PHE B 96 2.51 -15.98 5.28
CA PHE B 96 3.91 -16.08 4.86
C PHE B 96 4.42 -17.51 4.72
N GLU B 97 3.88 -18.46 5.48
CA GLU B 97 4.27 -19.86 5.30
C GLU B 97 3.90 -20.44 3.90
N ARG B 98 2.76 -20.00 3.33
CA ARG B 98 2.45 -20.37 1.94
C ARG B 98 3.42 -19.70 0.96
N ARG B 99 3.74 -18.42 1.18
CA ARG B 99 4.70 -17.75 0.31
C ARG B 99 6.10 -18.38 0.45
N LYS B 100 6.51 -18.71 1.67
CA LYS B 100 7.84 -19.35 1.92
C LYS B 100 7.94 -20.78 1.42
N TYR B 101 7.01 -21.63 1.79
CA TYR B 101 7.18 -23.07 1.48
C TYR B 101 6.52 -23.55 0.23
N PHE B 102 5.52 -22.81 -0.23
CA PHE B 102 4.65 -23.28 -1.31
C PHE B 102 4.63 -22.31 -2.51
N HIS B 103 5.61 -21.43 -2.58
CA HIS B 103 5.80 -20.49 -3.66
C HIS B 103 4.60 -19.62 -4.07
N GLU B 104 3.74 -19.31 -3.11
CA GLU B 104 2.57 -18.50 -3.36
C GLU B 104 3.02 -17.08 -3.69
N THR B 105 2.48 -16.55 -4.79
CA THR B 105 2.90 -15.20 -5.26
C THR B 105 1.83 -14.15 -4.97
N ASP B 106 2.16 -12.90 -5.25
CA ASP B 106 1.20 -11.83 -5.21
C ASP B 106 0.08 -12.03 -6.21
N GLU B 107 0.40 -12.58 -7.38
CA GLU B 107 -0.67 -12.87 -8.31
C GLU B 107 -1.65 -13.92 -7.79
N ASP B 108 -1.10 -14.96 -7.14
CA ASP B 108 -1.93 -16.00 -6.49
C ASP B 108 -2.87 -15.38 -5.44
N VAL B 109 -2.31 -14.51 -4.61
CA VAL B 109 -3.09 -13.81 -3.58
C VAL B 109 -4.29 -13.09 -4.18
N ARG B 110 -4.01 -12.34 -5.22
CA ARG B 110 -5.07 -11.54 -5.91
C ARG B 110 -6.14 -12.49 -6.40
N GLU B 111 -5.74 -13.56 -7.08
CA GLU B 111 -6.73 -14.51 -7.65
C GLU B 111 -7.49 -15.22 -6.57
N LYS B 112 -6.83 -15.56 -5.46
CA LYS B 112 -7.58 -16.20 -4.36
C LYS B 112 -8.57 -15.25 -3.76
N LEU B 113 -8.20 -13.96 -3.70
CA LEU B 113 -9.09 -13.05 -3.01
C LEU B 113 -10.30 -12.87 -3.93
N GLN B 114 -10.03 -12.80 -5.23
CA GLN B 114 -11.10 -12.61 -6.20
C GLN B 114 -12.05 -13.81 -6.15
N ALA B 115 -11.48 -15.01 -6.18
CA ALA B 115 -12.34 -16.23 -5.97
C ALA B 115 -13.17 -16.16 -4.68
N SER B 116 -12.55 -15.70 -3.59
CA SER B 116 -13.19 -15.80 -2.29
C SER B 116 -14.39 -14.82 -2.24
N LEU B 117 -14.11 -13.57 -2.65
CA LEU B 117 -15.18 -12.56 -2.75
C LEU B 117 -16.30 -12.97 -3.72
N LYS B 118 -15.95 -13.52 -4.90
CA LYS B 118 -16.99 -14.05 -5.85
C LYS B 118 -17.96 -15.05 -5.13
N ASN B 119 -17.43 -15.79 -4.17
CA ASN B 119 -18.19 -16.80 -3.45
C ASN B 119 -18.66 -16.45 -2.06
N ASN B 120 -18.74 -15.16 -1.80
CA ASN B 120 -19.21 -14.60 -0.51
C ASN B 120 -18.46 -15.07 0.70
N LEU B 121 -17.19 -15.39 0.55
CA LEU B 121 -16.36 -15.70 1.73
C LEU B 121 -15.70 -14.38 2.20
N LYS B 122 -15.34 -14.32 3.47
CA LYS B 122 -14.59 -13.20 4.09
C LYS B 122 -13.13 -13.63 4.13
N ALA B 123 -12.23 -12.71 3.84
CA ALA B 123 -10.81 -13.00 3.68
C ALA B 123 -9.91 -12.26 4.67
N VAL B 124 -8.95 -13.02 5.23
CA VAL B 124 -7.94 -12.48 6.10
C VAL B 124 -6.67 -12.56 5.27
N VAL B 125 -6.14 -11.39 4.81
CA VAL B 125 -5.13 -11.39 3.78
C VAL B 125 -3.83 -10.86 4.41
N CYS B 126 -2.76 -11.61 4.28
CA CYS B 126 -1.49 -11.44 5.04
C CYS B 126 -0.40 -11.02 4.11
N PHE B 127 0.52 -10.22 4.61
CA PHE B 127 1.65 -9.73 3.84
C PHE B 127 2.66 -9.20 4.90
N GLY B 128 3.88 -8.93 4.44
CA GLY B 128 4.92 -8.34 5.32
C GLY B 128 6.31 -8.55 4.79
N GLU B 129 7.26 -7.75 5.33
CA GLU B 129 8.63 -7.75 4.78
C GLU B 129 9.57 -8.62 5.58
N SER B 130 10.57 -9.17 4.88
CA SER B 130 11.61 -9.92 5.49
C SER B 130 12.67 -9.11 6.28
N LEU B 131 13.45 -9.81 7.08
CA LEU B 131 14.62 -9.18 7.69
C LEU B 131 15.49 -8.47 6.65
N GLU B 132 15.79 -9.16 5.56
CA GLU B 132 16.67 -8.56 4.58
C GLU B 132 16.06 -7.27 4.01
N GLN B 133 14.77 -7.30 3.80
CA GLN B 133 14.10 -6.16 3.18
C GLN B 133 14.06 -5.01 4.18
N ARG B 134 13.81 -5.34 5.44
CA ARG B 134 13.72 -4.28 6.49
C ARG B 134 15.15 -3.67 6.70
N GLU B 135 16.16 -4.51 6.66
CA GLU B 135 17.52 -4.05 6.78
C GLU B 135 17.96 -3.20 5.60
N GLN B 136 17.36 -3.41 4.43
CA GLN B 136 17.66 -2.57 3.28
C GLN B 136 16.76 -1.34 3.21
N ASN B 137 16.04 -1.08 4.29
CA ASN B 137 15.10 0.05 4.41
C ASN B 137 13.99 0.06 3.32
N LYS B 138 13.49 -1.14 3.02
CA LYS B 138 12.55 -1.31 1.94
C LYS B 138 11.17 -1.66 2.41
N THR B 139 10.90 -1.40 3.69
CA THR B 139 9.62 -1.80 4.27
C THR B 139 8.46 -1.21 3.50
N ILE B 140 8.47 0.09 3.25
CA ILE B 140 7.30 0.66 2.62
C ILE B 140 7.16 0.22 1.17
N GLU B 141 8.27 0.10 0.47
CA GLU B 141 8.28 -0.34 -0.93
C GLU B 141 7.63 -1.75 -0.99
N VAL B 142 8.11 -2.63 -0.10
CA VAL B 142 7.62 -4.03 -0.08
C VAL B 142 6.16 -4.10 0.25
N ILE B 143 5.74 -3.50 1.36
CA ILE B 143 4.35 -3.55 1.80
C ILE B 143 3.37 -2.89 0.81
N THR B 144 3.77 -1.78 0.20
CA THR B 144 2.93 -1.11 -0.79
C THR B 144 2.71 -2.03 -1.96
N LYS B 145 3.75 -2.73 -2.40
CA LYS B 145 3.67 -3.60 -3.56
C LYS B 145 2.74 -4.75 -3.24
N GLN B 146 2.95 -5.35 -2.07
CA GLN B 146 2.07 -6.50 -1.66
C GLN B 146 0.61 -6.11 -1.46
N VAL B 147 0.37 -4.96 -0.87
CA VAL B 147 -0.98 -4.60 -0.62
C VAL B 147 -1.65 -4.15 -1.94
N LYS B 148 -0.94 -3.37 -2.75
CA LYS B 148 -1.47 -2.98 -4.07
C LYS B 148 -1.73 -4.17 -5.03
N ALA B 149 -1.12 -5.34 -4.77
CA ALA B 149 -1.47 -6.54 -5.55
C ALA B 149 -2.95 -6.91 -5.41
N PHE B 150 -3.64 -6.48 -4.35
CA PHE B 150 -5.00 -7.00 -4.16
C PHE B 150 -6.01 -5.99 -3.66
N VAL B 151 -5.57 -4.84 -3.09
CA VAL B 151 -6.51 -4.08 -2.28
C VAL B 151 -7.61 -3.45 -3.13
N ASP B 152 -7.34 -3.24 -4.41
CA ASP B 152 -8.39 -2.60 -5.26
C ASP B 152 -9.58 -3.51 -5.50
N LEU B 153 -9.42 -4.81 -5.19
CA LEU B 153 -10.54 -5.75 -5.34
C LEU B 153 -11.53 -5.67 -4.21
N ILE B 154 -11.21 -5.01 -3.09
CA ILE B 154 -12.09 -5.09 -1.94
C ILE B 154 -13.36 -4.34 -2.22
N ASP B 155 -14.48 -5.05 -2.08
CA ASP B 155 -15.76 -4.49 -2.41
C ASP B 155 -16.50 -4.14 -1.15
N ASN B 156 -16.04 -4.62 -0.01
CA ASN B 156 -16.81 -4.41 1.22
C ASN B 156 -15.78 -4.45 2.33
N PHE B 157 -15.70 -3.37 3.13
CA PHE B 157 -14.52 -3.21 4.03
C PHE B 157 -14.68 -3.79 5.42
N ASP B 158 -15.77 -4.54 5.60
CA ASP B 158 -15.99 -5.40 6.76
C ASP B 158 -15.56 -6.84 6.41
N ASN B 159 -15.49 -7.13 5.11
CA ASN B 159 -15.38 -8.52 4.69
C ASN B 159 -13.95 -8.90 4.33
N VAL B 160 -13.06 -7.94 4.25
CA VAL B 160 -11.61 -8.24 3.99
C VAL B 160 -10.87 -7.67 5.22
N ILE B 161 -9.93 -8.47 5.79
CA ILE B 161 -9.21 -8.08 7.00
C ILE B 161 -7.77 -8.21 6.62
N LEU B 162 -6.97 -7.19 6.91
CA LEU B 162 -5.58 -7.20 6.55
C LEU B 162 -4.76 -7.68 7.74
N VAL B 163 -3.63 -8.35 7.44
CA VAL B 163 -2.68 -8.85 8.49
C VAL B 163 -1.28 -8.50 8.15
N TYR B 164 -0.63 -7.69 9.04
CA TYR B 164 0.76 -7.45 8.90
C TYR B 164 1.57 -8.51 9.65
N GLU B 165 2.45 -9.18 8.93
CA GLU B 165 3.34 -10.25 9.48
C GLU B 165 4.74 -9.68 9.42
N PRO B 166 5.31 -9.35 10.59
CA PRO B 166 6.65 -8.76 10.58
C PRO B 166 7.69 -9.89 10.43
N LEU B 167 7.89 -10.37 9.22
CA LEU B 167 8.79 -11.50 8.99
C LEU B 167 10.18 -11.29 9.55
N TRP B 168 10.60 -10.03 9.54
CA TRP B 168 11.86 -9.65 10.07
C TRP B 168 11.99 -9.98 11.57
N ALA B 169 10.84 -10.09 12.25
CA ALA B 169 10.77 -10.41 13.70
C ALA B 169 10.21 -11.82 14.02
N ILE B 170 10.24 -12.71 13.06
CA ILE B 170 9.67 -14.06 13.21
C ILE B 170 10.85 -14.95 12.94
N GLY B 171 11.36 -15.63 13.99
CA GLY B 171 12.47 -16.57 13.84
C GLY B 171 13.86 -16.06 13.50
N THR B 172 14.05 -14.76 13.70
CA THR B 172 15.27 -14.09 13.33
C THR B 172 16.09 -13.68 14.54
N GLY B 173 15.48 -13.75 15.73
CA GLY B 173 16.05 -13.14 16.91
C GLY B 173 15.69 -11.69 17.19
N LYS B 174 14.92 -11.05 16.30
CA LYS B 174 14.49 -9.68 16.50
C LYS B 174 13.04 -9.68 17.07
N THR B 175 12.69 -8.66 17.85
CA THR B 175 11.39 -8.56 18.47
C THR B 175 10.78 -7.22 18.05
N ALA B 176 9.56 -7.24 17.47
CA ALA B 176 8.98 -5.97 17.08
C ALA B 176 8.35 -5.34 18.29
N THR B 177 8.46 -4.04 18.44
CA THR B 177 7.78 -3.35 19.52
C THR B 177 6.35 -2.93 19.07
N PRO B 178 5.44 -2.73 20.03
CA PRO B 178 4.08 -2.26 19.65
C PRO B 178 4.17 -0.91 18.91
N GLU B 179 5.18 -0.11 19.22
CA GLU B 179 5.33 1.21 18.55
C GLU B 179 5.76 1.02 17.09
N GLN B 180 6.68 0.06 16.85
CA GLN B 180 7.12 -0.26 15.48
C GLN B 180 5.93 -0.80 14.65
N ALA B 181 5.14 -1.67 15.28
CA ALA B 181 4.06 -2.31 14.56
C ALA B 181 3.07 -1.21 14.20
N GLN B 182 2.78 -0.31 15.14
CA GLN B 182 1.80 0.73 14.92
C GLN B 182 2.17 1.57 13.71
N LEU B 183 3.46 1.91 13.58
CA LEU B 183 3.91 2.76 12.42
C LEU B 183 3.59 2.03 11.10
N VAL B 184 3.82 0.71 11.07
CA VAL B 184 3.54 -0.04 9.87
C VAL B 184 2.01 -0.08 9.61
N HIS B 185 1.19 -0.40 10.63
CA HIS B 185 -0.25 -0.35 10.50
C HIS B 185 -0.82 0.97 9.97
N LYS B 186 -0.26 2.09 10.48
CA LYS B 186 -0.68 3.40 9.98
C LYS B 186 -0.34 3.54 8.50
N GLU B 187 0.82 3.06 8.08
CA GLU B 187 1.19 3.14 6.66
C GLU B 187 0.29 2.24 5.80
N ILE B 188 -0.02 1.07 6.31
CA ILE B 188 -0.95 0.17 5.60
C ILE B 188 -2.28 0.89 5.37
N ARG B 189 -2.80 1.54 6.40
CA ARG B 189 -4.07 2.18 6.33
C ARG B 189 -3.99 3.32 5.33
N LYS B 190 -2.83 3.99 5.24
CA LYS B 190 -2.70 5.09 4.24
C LYS B 190 -2.74 4.56 2.77
N ILE B 191 -2.14 3.39 2.56
CA ILE B 191 -2.19 2.70 1.25
C ILE B 191 -3.67 2.43 0.92
N VAL B 192 -4.44 1.94 1.89
CA VAL B 192 -5.85 1.66 1.67
C VAL B 192 -6.56 2.98 1.30
N LYS B 193 -6.30 4.04 2.05
CA LYS B 193 -6.90 5.33 1.77
C LYS B 193 -6.62 5.80 0.35
N ASP B 194 -5.36 5.75 -0.05
CA ASP B 194 -4.93 6.18 -1.40
C ASP B 194 -5.57 5.42 -2.51
N THR B 195 -5.86 4.13 -2.30
CA THR B 195 -6.39 3.34 -3.41
C THR B 195 -7.89 3.22 -3.30
N CYS B 196 -8.43 3.20 -2.09
CA CYS B 196 -9.81 2.77 -1.88
C CYS B 196 -10.69 3.84 -1.36
N GLY B 197 -10.13 4.83 -0.67
CA GLY B 197 -10.98 5.84 -0.07
C GLY B 197 -10.79 6.00 1.43
N GLU B 198 -11.06 7.19 1.93
CA GLU B 198 -10.81 7.46 3.34
C GLU B 198 -11.74 6.70 4.30
N LYS B 199 -13.05 6.69 4.02
CA LYS B 199 -14.01 6.02 4.88
C LYS B 199 -13.73 4.48 4.90
N GLN B 200 -13.28 4.00 3.76
CA GLN B 200 -13.01 2.55 3.58
C GLN B 200 -11.76 2.24 4.44
N ALA B 201 -10.75 3.11 4.38
CA ALA B 201 -9.48 2.90 5.13
C ALA B 201 -9.80 2.92 6.59
N ASN B 202 -10.73 3.81 6.99
CA ASN B 202 -11.12 3.92 8.38
C ASN B 202 -11.92 2.76 8.90
N GLN B 203 -12.58 2.05 7.98
CA GLN B 203 -13.46 0.91 8.35
C GLN B 203 -12.66 -0.44 8.44
N ILE B 204 -11.63 -0.56 7.63
CA ILE B 204 -10.99 -1.91 7.43
C ILE B 204 -10.19 -2.30 8.69
N ARG B 205 -10.25 -3.58 9.08
CA ARG B 205 -9.45 -3.99 10.25
C ARG B 205 -8.09 -4.43 9.76
N ILE B 206 -7.07 -4.03 10.54
CA ILE B 206 -5.72 -4.38 10.17
C ILE B 206 -5.11 -5.02 11.43
N LEU B 207 -4.73 -6.30 11.34
CA LEU B 207 -4.39 -7.08 12.54
C LEU B 207 -2.91 -7.22 12.52
N TYR B 208 -2.40 -7.33 13.71
CA TYR B 208 -1.00 -7.72 13.82
C TYR B 208 -0.85 -9.23 13.83
N GLY B 209 0.11 -9.67 13.04
CA GLY B 209 0.30 -11.10 12.81
C GLY B 209 1.69 -11.56 13.15
N GLY B 210 2.45 -10.80 13.95
CA GLY B 210 3.74 -11.36 14.54
C GLY B 210 3.40 -12.12 15.83
N SER B 211 4.37 -12.31 16.70
CA SER B 211 4.20 -13.20 17.85
C SER B 211 3.31 -12.50 18.84
N VAL B 212 2.18 -13.12 19.21
CA VAL B 212 1.25 -12.51 20.15
C VAL B 212 1.04 -13.51 21.28
N ASN B 213 1.04 -13.03 22.52
CA ASN B 213 0.78 -13.94 23.64
C ASN B 213 -0.02 -13.17 24.71
N THR B 214 -0.30 -13.82 25.85
CA THR B 214 -1.15 -13.17 26.88
C THR B 214 -0.46 -11.94 27.47
N GLU B 215 0.84 -11.91 27.41
CA GLU B 215 1.58 -10.83 28.00
C GLU B 215 1.69 -9.57 27.11
N ASN B 216 1.88 -9.76 25.80
CA ASN B 216 1.99 -8.56 24.99
C ASN B 216 0.72 -8.12 24.29
N CYS B 217 -0.34 -8.94 24.40
CA CYS B 217 -1.55 -8.60 23.61
C CYS B 217 -2.14 -7.20 23.99
N SER B 218 -2.08 -6.82 25.26
CA SER B 218 -2.79 -5.56 25.64
C SER B 218 -2.02 -4.35 25.05
N SER B 219 -0.69 -4.46 25.02
CA SER B 219 0.20 -3.37 24.55
C SER B 219 -0.01 -3.16 23.03
N LEU B 220 -0.35 -4.25 22.33
CA LEU B 220 -0.56 -4.20 20.85
C LEU B 220 -1.91 -3.63 20.53
N ILE B 221 -2.92 -4.20 21.13
CA ILE B 221 -4.28 -3.80 20.76
C ILE B 221 -4.56 -2.31 21.11
N GLN B 222 -3.86 -1.77 22.08
CA GLN B 222 -4.05 -0.35 22.50
C GLN B 222 -3.54 0.59 21.41
N GLN B 223 -2.66 0.11 20.49
CA GLN B 223 -2.18 1.00 19.38
C GLN B 223 -3.34 1.43 18.48
N GLU B 224 -3.28 2.65 17.96
CA GLU B 224 -4.50 3.21 17.35
C GLU B 224 -4.93 2.46 16.07
N ASP B 225 -3.94 1.92 15.37
CA ASP B 225 -4.20 1.34 14.04
C ASP B 225 -4.09 -0.18 14.05
N ILE B 226 -3.98 -0.75 15.26
CA ILE B 226 -3.92 -2.23 15.45
C ILE B 226 -5.31 -2.66 15.92
N ASP B 227 -6.00 -3.46 15.11
CA ASP B 227 -7.40 -3.80 15.33
C ASP B 227 -7.60 -5.22 15.82
N GLY B 228 -6.54 -5.95 16.11
CA GLY B 228 -6.69 -7.32 16.64
C GLY B 228 -5.44 -8.07 16.16
N PHE B 229 -5.58 -9.40 16.10
CA PHE B 229 -4.41 -10.21 15.90
C PHE B 229 -4.77 -11.45 15.17
N LEU B 230 -3.77 -11.97 14.46
CA LEU B 230 -3.83 -13.38 13.94
C LEU B 230 -2.78 -14.15 14.74
N VAL B 231 -3.26 -14.95 15.68
CA VAL B 231 -2.43 -15.54 16.75
C VAL B 231 -2.01 -16.93 16.39
N GLY B 232 -0.73 -17.24 16.62
CA GLY B 232 -0.22 -18.58 16.33
C GLY B 232 -0.28 -19.46 17.56
N ASN B 233 0.89 -19.88 18.01
CA ASN B 233 0.89 -20.97 18.99
C ASN B 233 0.23 -20.68 20.31
N ALA B 234 0.14 -19.40 20.67
CA ALA B 234 -0.69 -19.03 21.87
C ALA B 234 -2.14 -19.42 21.73
N SER B 235 -2.68 -19.53 20.50
CA SER B 235 -4.06 -19.96 20.29
C SER B 235 -4.37 -21.44 20.42
N LEU B 236 -3.34 -22.22 20.68
CA LEU B 236 -3.52 -23.64 20.95
C LEU B 236 -3.67 -23.89 22.45
N LYS B 237 -3.59 -22.83 23.26
CA LYS B 237 -3.67 -22.90 24.73
C LYS B 237 -4.95 -22.37 25.25
N GLU B 238 -5.43 -22.95 26.36
CA GLU B 238 -6.65 -22.49 26.98
C GLU B 238 -6.62 -21.00 27.31
N SER B 239 -5.42 -20.52 27.64
CA SER B 239 -5.15 -19.09 27.95
C SER B 239 -5.34 -18.17 26.69
N PHE B 240 -5.63 -18.76 25.49
CA PHE B 240 -6.04 -17.91 24.37
C PHE B 240 -7.26 -17.02 24.81
N VAL B 241 -8.04 -17.46 25.78
CA VAL B 241 -9.16 -16.61 26.20
C VAL B 241 -8.72 -15.24 26.75
N ASP B 242 -7.53 -15.17 27.32
CA ASP B 242 -7.07 -13.90 27.88
C ASP B 242 -6.60 -12.95 26.79
N ILE B 243 -6.21 -13.54 25.63
CA ILE B 243 -5.94 -12.69 24.49
C ILE B 243 -7.26 -12.12 23.96
N ILE B 244 -8.30 -12.93 23.92
CA ILE B 244 -9.56 -12.43 23.41
C ILE B 244 -10.01 -11.33 24.42
N LYS B 245 -9.79 -11.61 25.70
CA LYS B 245 -10.20 -10.64 26.74
C LYS B 245 -9.59 -9.27 26.55
N SER B 246 -8.34 -9.23 26.11
CA SER B 246 -7.61 -7.93 25.90
C SER B 246 -8.30 -7.08 24.84
N ALA B 247 -9.08 -7.69 23.96
CA ALA B 247 -9.86 -6.95 22.93
C ALA B 247 -11.32 -6.72 23.30
N MET B 248 -11.75 -7.21 24.45
CA MET B 248 -13.15 -7.08 24.86
C MET B 248 -13.48 -5.70 25.40
N ARG C 3 -2.43 -60.78 -6.17
CA ARG C 3 -2.59 -59.37 -5.68
C ARG C 3 -4.02 -59.00 -5.63
N LYS C 4 -4.44 -58.28 -4.60
CA LYS C 4 -5.82 -57.80 -4.54
C LYS C 4 -5.99 -56.55 -5.47
N TYR C 5 -6.98 -56.57 -6.37
CA TYR C 5 -7.27 -55.42 -7.20
C TYR C 5 -7.71 -54.20 -6.38
N PHE C 6 -7.58 -53.04 -6.99
CA PHE C 6 -7.65 -51.77 -6.17
C PHE C 6 -8.26 -50.74 -7.07
N VAL C 7 -9.46 -50.22 -6.76
CA VAL C 7 -10.12 -49.30 -7.65
C VAL C 7 -10.40 -48.04 -6.84
N ALA C 8 -9.93 -46.89 -7.28
CA ALA C 8 -10.00 -45.70 -6.48
C ALA C 8 -10.67 -44.60 -7.27
N ALA C 9 -11.52 -43.87 -6.54
CA ALA C 9 -12.23 -42.72 -7.07
C ALA C 9 -11.47 -41.46 -6.62
N ASN C 10 -10.86 -40.75 -7.57
CA ASN C 10 -10.25 -39.44 -7.22
C ASN C 10 -11.20 -38.36 -7.65
N TRP C 11 -11.94 -37.80 -6.70
CA TRP C 11 -12.88 -36.79 -7.02
C TRP C 11 -12.25 -35.44 -7.32
N LYS C 12 -10.94 -35.31 -7.08
CA LYS C 12 -10.20 -34.03 -7.28
C LYS C 12 -11.07 -32.92 -6.64
N CYS C 13 -11.16 -31.78 -7.28
CA CYS C 13 -11.72 -30.62 -6.60
C CYS C 13 -13.17 -30.48 -7.04
N ASN C 14 -14.00 -31.44 -6.60
CA ASN C 14 -15.38 -31.51 -7.09
C ASN C 14 -16.26 -31.97 -5.97
N GLY C 15 -17.46 -31.39 -5.90
CA GLY C 15 -18.44 -31.99 -4.96
C GLY C 15 -19.21 -30.90 -4.24
N THR C 16 -20.45 -31.23 -3.91
CA THR C 16 -21.22 -30.43 -2.92
C THR C 16 -21.71 -31.39 -1.89
N LEU C 17 -22.17 -30.91 -0.72
CA LEU C 17 -22.71 -31.87 0.28
C LEU C 17 -23.85 -32.73 -0.35
N GLU C 18 -24.73 -32.10 -1.10
CA GLU C 18 -25.84 -32.79 -1.80
C GLU C 18 -25.37 -33.77 -2.86
N SER C 19 -24.42 -33.41 -3.69
CA SER C 19 -24.03 -34.33 -4.79
C SER C 19 -23.34 -35.55 -4.18
N ILE C 20 -22.56 -35.33 -3.16
CA ILE C 20 -21.93 -36.43 -2.43
C ILE C 20 -22.97 -37.33 -1.79
N LYS C 21 -24.01 -36.75 -1.20
CA LYS C 21 -25.06 -37.62 -0.56
C LYS C 21 -25.62 -38.54 -1.67
N SER C 22 -25.90 -37.96 -2.85
CA SER C 22 -26.51 -38.71 -3.95
C SER C 22 -25.58 -39.81 -4.45
N LEU C 23 -24.32 -39.42 -4.68
CA LEU C 23 -23.34 -40.37 -5.20
C LEU C 23 -23.02 -41.49 -4.26
N THR C 24 -22.81 -41.16 -2.97
CA THR C 24 -22.41 -42.20 -2.04
C THR C 24 -23.59 -43.17 -1.86
N ASN C 25 -24.79 -42.62 -1.83
CA ASN C 25 -25.95 -43.54 -1.79
C ASN C 25 -25.92 -44.58 -2.95
N SER C 26 -25.62 -44.13 -4.19
CA SER C 26 -25.49 -45.05 -5.33
C SER C 26 -24.34 -46.04 -5.16
N PHE C 27 -23.22 -45.58 -4.67
CA PHE C 27 -22.10 -46.49 -4.46
C PHE C 27 -22.48 -47.57 -3.44
N ASN C 28 -23.17 -47.16 -2.38
CA ASN C 28 -23.44 -48.08 -1.28
C ASN C 28 -24.29 -49.26 -1.76
N ASN C 29 -25.04 -49.06 -2.83
CA ASN C 29 -25.88 -50.15 -3.43
C ASN C 29 -25.10 -51.28 -4.02
N LEU C 30 -23.83 -51.09 -4.32
CA LEU C 30 -22.98 -52.18 -4.84
C LEU C 30 -22.52 -53.13 -3.77
N ASP C 31 -22.89 -54.40 -3.88
CA ASP C 31 -22.56 -55.36 -2.85
C ASP C 31 -21.26 -56.04 -3.22
N PHE C 32 -20.14 -55.46 -2.83
CA PHE C 32 -18.88 -56.14 -3.11
C PHE C 32 -18.24 -56.51 -1.78
N ASP C 33 -17.27 -57.41 -1.84
CA ASP C 33 -16.65 -57.91 -0.64
C ASP C 33 -15.28 -57.19 -0.43
N PRO C 34 -15.16 -56.34 0.61
CA PRO C 34 -13.84 -55.66 0.79
C PRO C 34 -12.65 -56.59 1.10
N SER C 35 -12.90 -57.84 1.50
CA SER C 35 -11.82 -58.75 1.74
C SER C 35 -11.23 -59.27 0.45
N LYS C 36 -11.93 -59.08 -0.70
CA LYS C 36 -11.49 -59.58 -1.97
C LYS C 36 -11.02 -58.43 -2.91
N LEU C 37 -11.54 -57.22 -2.73
CA LEU C 37 -11.20 -56.08 -3.61
C LEU C 37 -11.10 -54.80 -2.73
N ASP C 38 -10.13 -53.96 -3.03
CA ASP C 38 -10.02 -52.65 -2.33
C ASP C 38 -10.73 -51.62 -3.18
N VAL C 39 -11.61 -50.79 -2.60
CA VAL C 39 -12.25 -49.70 -3.34
C VAL C 39 -12.07 -48.53 -2.43
N VAL C 40 -11.45 -47.47 -2.95
CA VAL C 40 -11.09 -46.37 -2.10
C VAL C 40 -11.67 -45.06 -2.71
N VAL C 41 -12.20 -44.17 -1.86
CA VAL C 41 -12.74 -42.94 -2.40
C VAL C 41 -11.91 -41.79 -1.75
N PHE C 42 -11.59 -40.78 -2.56
CA PHE C 42 -10.69 -39.69 -2.18
C PHE C 42 -11.42 -38.39 -2.42
N PRO C 43 -12.16 -37.93 -1.40
CA PRO C 43 -12.85 -36.66 -1.53
C PRO C 43 -11.89 -35.48 -1.21
N VAL C 44 -12.39 -34.27 -1.44
CA VAL C 44 -11.75 -33.03 -1.00
C VAL C 44 -11.57 -33.10 0.56
N SER C 45 -10.47 -32.56 1.05
CA SER C 45 -10.25 -32.59 2.53
C SER C 45 -11.45 -32.16 3.39
N VAL C 46 -12.10 -31.06 3.03
CA VAL C 46 -13.20 -30.52 3.90
C VAL C 46 -14.45 -31.37 3.69
N HIS C 47 -14.41 -32.28 2.71
CA HIS C 47 -15.53 -33.25 2.46
C HIS C 47 -15.30 -34.61 3.07
N TYR C 48 -14.15 -34.81 3.64
CA TYR C 48 -13.78 -36.13 4.10
C TYR C 48 -14.74 -36.60 5.17
N ASP C 49 -15.03 -35.75 6.17
CA ASP C 49 -15.88 -36.25 7.26
C ASP C 49 -17.30 -36.64 6.75
N HIS C 50 -17.90 -35.76 5.93
CA HIS C 50 -19.20 -36.02 5.33
C HIS C 50 -19.17 -37.32 4.51
N THR C 51 -18.11 -37.51 3.72
CA THR C 51 -18.06 -38.68 2.75
C THR C 51 -17.85 -39.96 3.55
N ARG C 52 -16.97 -39.90 4.56
CA ARG C 52 -16.67 -41.04 5.35
C ARG C 52 -17.93 -41.50 6.11
N LYS C 53 -18.72 -40.52 6.59
CA LYS C 53 -19.96 -40.84 7.27
C LYS C 53 -21.05 -41.48 6.37
N LEU C 54 -21.07 -41.08 5.13
CA LEU C 54 -22.08 -41.57 4.19
C LEU C 54 -21.70 -42.91 3.56
N LEU C 55 -20.41 -43.16 3.39
CA LEU C 55 -19.96 -44.44 2.73
C LEU C 55 -19.94 -45.58 3.74
N GLN C 56 -20.54 -46.71 3.35
CA GLN C 56 -20.38 -47.92 4.15
C GLN C 56 -18.95 -48.33 4.26
N SER C 57 -18.65 -49.07 5.31
CA SER C 57 -17.30 -49.36 5.63
C SER C 57 -16.54 -50.24 4.62
N LYS C 58 -17.27 -50.99 3.77
CA LYS C 58 -16.64 -51.68 2.63
C LYS C 58 -15.76 -50.72 1.78
N PHE C 59 -16.18 -49.47 1.70
CA PHE C 59 -15.36 -48.43 1.02
C PHE C 59 -14.32 -47.88 1.93
N SER C 60 -13.08 -47.89 1.46
CA SER C 60 -11.96 -47.25 2.19
C SER C 60 -11.96 -45.80 1.75
N THR C 61 -11.30 -44.95 2.55
CA THR C 61 -11.27 -43.51 2.18
C THR C 61 -9.83 -43.00 2.38
N GLY C 62 -9.54 -41.89 1.70
CA GLY C 62 -8.21 -41.28 1.81
C GLY C 62 -8.32 -39.81 1.45
N ILE C 63 -7.20 -39.11 1.44
CA ILE C 63 -7.18 -37.70 1.04
C ILE C 63 -6.24 -37.56 -0.15
N GLN C 64 -6.42 -36.46 -0.89
CA GLN C 64 -5.70 -36.30 -2.21
C GLN C 64 -4.25 -35.78 -2.12
N ASN C 65 -3.78 -35.52 -0.91
CA ASN C 65 -2.44 -34.95 -0.71
C ASN C 65 -2.15 -35.03 0.77
N VAL C 66 -0.88 -34.90 1.17
CA VAL C 66 -0.48 -34.92 2.58
C VAL C 66 0.77 -34.01 2.67
N SER C 67 1.06 -33.47 3.83
CA SER C 67 2.17 -32.57 3.98
C SER C 67 3.50 -33.33 4.00
N LYS C 68 4.54 -32.67 3.51
CA LYS C 68 5.92 -33.12 3.70
C LYS C 68 6.46 -32.81 5.07
N PHE C 69 5.77 -31.97 5.83
CA PHE C 69 6.22 -31.55 7.18
C PHE C 69 5.34 -32.24 8.22
N GLY C 70 5.85 -32.33 9.43
CA GLY C 70 5.06 -32.88 10.53
C GLY C 70 4.14 -31.79 11.07
N ASN C 71 3.65 -31.97 12.28
CA ASN C 71 2.86 -30.89 12.88
C ASN C 71 3.74 -29.67 13.13
N GLY C 72 3.11 -28.49 13.19
CA GLY C 72 3.75 -27.26 13.61
C GLY C 72 3.34 -26.13 12.68
N SER C 73 4.24 -25.15 12.47
CA SER C 73 3.85 -23.87 11.82
C SER C 73 3.90 -24.00 10.32
N TYR C 74 2.92 -24.72 9.75
CA TYR C 74 2.84 -24.94 8.31
C TYR C 74 1.42 -24.66 7.92
N ASN C 75 1.15 -23.35 7.82
CA ASN C 75 -0.20 -22.91 7.48
C ASN C 75 -0.77 -23.59 6.26
N GLY C 76 -1.98 -24.15 6.40
CA GLY C 76 -2.70 -24.72 5.28
C GLY C 76 -2.39 -26.18 5.00
N GLU C 77 -1.46 -26.77 5.76
CA GLU C 77 -1.06 -28.19 5.48
C GLU C 77 -1.77 -29.18 6.37
N VAL C 78 -1.84 -30.42 5.89
CA VAL C 78 -2.42 -31.52 6.72
C VAL C 78 -1.27 -32.55 6.96
N SER C 79 -0.83 -32.75 8.20
CA SER C 79 0.31 -33.66 8.45
C SER C 79 -0.20 -35.11 8.36
N ALA C 80 0.74 -36.01 8.11
CA ALA C 80 0.43 -37.45 8.22
C ALA C 80 0.03 -37.81 9.66
N GLU C 81 0.57 -37.06 10.67
CA GLU C 81 0.14 -37.30 12.12
C GLU C 81 -1.37 -37.04 12.31
N ILE C 82 -1.84 -35.93 11.74
CA ILE C 82 -3.26 -35.56 11.77
C ILE C 82 -4.13 -36.57 11.04
N ALA C 83 -3.72 -37.02 9.86
CA ALA C 83 -4.50 -38.00 9.15
C ALA C 83 -4.57 -39.31 9.96
N LYS C 84 -3.46 -39.70 10.61
CA LYS C 84 -3.41 -41.00 11.33
C LYS C 84 -4.47 -40.87 12.48
N ASP C 85 -4.44 -39.75 13.17
CA ASP C 85 -5.33 -39.52 14.32
C ASP C 85 -6.79 -39.52 13.87
N LEU C 86 -7.07 -39.14 12.63
CA LEU C 86 -8.43 -39.19 12.09
C LEU C 86 -8.81 -40.53 11.48
N ASN C 87 -7.90 -41.50 11.45
CA ASN C 87 -8.04 -42.81 10.80
C ASN C 87 -8.27 -42.63 9.33
N ILE C 88 -7.61 -41.63 8.74
CA ILE C 88 -7.60 -41.53 7.28
C ILE C 88 -6.66 -42.61 6.75
N GLU C 89 -7.14 -43.51 5.88
CA GLU C 89 -6.36 -44.71 5.60
C GLU C 89 -5.31 -44.50 4.54
N TYR C 90 -5.69 -43.78 3.50
CA TYR C 90 -4.78 -43.62 2.33
C TYR C 90 -4.54 -42.13 2.05
N VAL C 91 -3.41 -41.90 1.38
CA VAL C 91 -3.08 -40.54 0.84
C VAL C 91 -2.62 -40.73 -0.62
N ILE C 92 -2.93 -39.75 -1.46
CA ILE C 92 -2.35 -39.73 -2.81
C ILE C 92 -1.17 -38.83 -2.79
N ILE C 93 -0.04 -39.29 -3.36
CA ILE C 93 1.18 -38.45 -3.34
C ILE C 93 1.67 -38.37 -4.80
N GLY C 94 2.16 -37.18 -5.21
CA GLY C 94 2.83 -37.09 -6.56
C GLY C 94 1.86 -37.03 -7.73
N HIS C 95 0.57 -36.82 -7.46
CA HIS C 95 -0.33 -36.65 -8.56
C HIS C 95 0.20 -35.62 -9.54
N PHE C 96 0.02 -35.87 -10.87
CA PHE C 96 0.62 -34.93 -11.82
C PHE C 96 0.12 -33.51 -11.67
N GLU C 97 -1.11 -33.32 -11.23
CA GLU C 97 -1.60 -31.95 -11.08
C GLU C 97 -0.84 -31.21 -9.95
N ARG C 98 -0.40 -31.92 -8.92
CA ARG C 98 0.44 -31.26 -7.94
C ARG C 98 1.80 -30.92 -8.48
N ARG C 99 2.38 -31.84 -9.24
CA ARG C 99 3.70 -31.56 -9.86
C ARG C 99 3.63 -30.40 -10.86
N LYS C 100 2.52 -30.31 -11.55
CA LYS C 100 2.27 -29.28 -12.56
C LYS C 100 1.89 -27.92 -11.95
N TYR C 101 0.85 -27.87 -11.15
CA TYR C 101 0.38 -26.51 -10.72
C TYR C 101 1.01 -25.99 -9.41
N PHE C 102 1.55 -26.93 -8.63
CA PHE C 102 2.02 -26.66 -7.29
C PHE C 102 3.54 -26.95 -7.13
N HIS C 103 4.20 -27.24 -8.24
CA HIS C 103 5.67 -27.39 -8.33
C HIS C 103 6.16 -28.44 -7.40
N GLU C 104 5.36 -29.51 -7.17
CA GLU C 104 5.80 -30.55 -6.33
C GLU C 104 6.94 -31.33 -7.02
N THR C 105 7.98 -31.65 -6.25
CA THR C 105 9.20 -32.24 -6.84
C THR C 105 9.33 -33.68 -6.39
N ASP C 106 10.25 -34.42 -7.04
CA ASP C 106 10.54 -35.79 -6.53
C ASP C 106 10.95 -35.76 -5.07
N GLU C 107 11.73 -34.75 -4.65
CA GLU C 107 12.14 -34.63 -3.26
C GLU C 107 10.91 -34.50 -2.35
N ASP C 108 9.91 -33.76 -2.80
CA ASP C 108 8.68 -33.62 -1.99
C ASP C 108 7.92 -34.97 -1.91
N VAL C 109 7.92 -35.73 -3.02
CA VAL C 109 7.21 -37.03 -3.06
C VAL C 109 7.86 -37.95 -2.00
N ARG C 110 9.22 -38.00 -2.01
CA ARG C 110 9.89 -38.87 -1.06
C ARG C 110 9.59 -38.48 0.38
N GLU C 111 9.66 -37.17 0.67
CA GLU C 111 9.43 -36.71 2.04
C GLU C 111 8.01 -36.98 2.47
N LYS C 112 7.07 -36.77 1.55
CA LYS C 112 5.67 -37.15 1.86
C LYS C 112 5.47 -38.64 2.09
N LEU C 113 6.19 -39.49 1.34
CA LEU C 113 6.00 -40.90 1.55
C LEU C 113 6.61 -41.32 2.87
N GLN C 114 7.79 -40.77 3.16
CA GLN C 114 8.44 -41.11 4.44
C GLN C 114 7.52 -40.77 5.65
N ALA C 115 6.93 -39.60 5.60
CA ALA C 115 6.04 -39.06 6.65
C ALA C 115 4.81 -39.99 6.69
N SER C 116 4.26 -40.35 5.53
CA SER C 116 3.07 -41.19 5.51
C SER C 116 3.31 -42.55 6.14
N LEU C 117 4.41 -43.18 5.71
CA LEU C 117 4.74 -44.52 6.23
C LEU C 117 5.09 -44.48 7.71
N LYS C 118 5.75 -43.44 8.15
CA LYS C 118 6.09 -43.24 9.61
C LYS C 118 4.78 -43.27 10.46
N ASN C 119 3.70 -42.76 9.88
CA ASN C 119 2.40 -42.62 10.54
C ASN C 119 1.40 -43.69 10.25
N ASN C 120 1.88 -44.78 9.63
CA ASN C 120 1.04 -45.92 9.23
C ASN C 120 -0.12 -45.64 8.29
N LEU C 121 0.07 -44.65 7.44
CA LEU C 121 -0.80 -44.40 6.30
C LEU C 121 -0.40 -45.31 5.17
N LYS C 122 -1.33 -45.62 4.28
CA LYS C 122 -1.04 -46.32 3.04
C LYS C 122 -0.98 -45.27 1.94
N ALA C 123 -0.04 -45.37 1.01
CA ALA C 123 0.19 -44.30 0.06
C ALA C 123 -0.05 -44.77 -1.40
N VAL C 124 -0.74 -43.94 -2.17
CA VAL C 124 -0.97 -44.13 -3.60
C VAL C 124 -0.01 -43.10 -4.27
N VAL C 125 1.08 -43.62 -4.88
CA VAL C 125 2.16 -42.74 -5.35
C VAL C 125 2.17 -42.71 -6.86
N CYS C 126 2.06 -41.51 -7.44
CA CYS C 126 1.82 -41.36 -8.91
C CYS C 126 3.09 -40.84 -9.58
N PHE C 127 3.33 -41.25 -10.84
CA PHE C 127 4.45 -40.73 -11.65
C PHE C 127 4.08 -41.06 -13.10
N GLY C 128 5.01 -40.69 -14.03
CA GLY C 128 4.68 -40.83 -15.42
C GLY C 128 5.29 -39.76 -16.29
N GLU C 129 5.46 -40.13 -17.56
CA GLU C 129 6.17 -39.31 -18.54
C GLU C 129 5.28 -38.47 -19.46
N SER C 130 5.84 -37.33 -19.86
CA SER C 130 5.18 -36.38 -20.81
C SER C 130 5.24 -36.84 -22.27
N LEU C 131 4.46 -36.15 -23.10
CA LEU C 131 4.55 -36.48 -24.55
C LEU C 131 5.92 -36.22 -25.12
N GLU C 132 6.53 -35.10 -24.74
CA GLU C 132 7.88 -34.78 -25.20
C GLU C 132 8.83 -35.90 -24.79
N GLN C 133 8.70 -36.36 -23.55
CA GLN C 133 9.52 -37.44 -23.08
C GLN C 133 9.35 -38.74 -23.82
N ARG C 134 8.10 -39.06 -24.09
CA ARG C 134 7.77 -40.28 -24.78
C ARG C 134 8.25 -40.20 -26.26
N GLU C 135 8.07 -39.04 -26.87
CA GLU C 135 8.56 -38.79 -28.21
C GLU C 135 10.08 -38.92 -28.39
N GLN C 136 10.85 -38.54 -27.37
CA GLN C 136 12.31 -38.70 -27.36
C GLN C 136 12.79 -40.06 -26.80
N ASN C 137 11.85 -40.98 -26.64
CA ASN C 137 12.15 -42.34 -26.28
C ASN C 137 12.72 -42.43 -24.86
N LYS C 138 12.21 -41.59 -23.97
CA LYS C 138 12.73 -41.56 -22.65
C LYS C 138 11.79 -42.12 -21.56
N THR C 139 10.69 -42.80 -21.94
CA THR C 139 9.67 -43.31 -20.95
C THR C 139 10.36 -44.02 -19.74
N ILE C 140 11.20 -44.98 -20.02
CA ILE C 140 11.80 -45.80 -18.94
C ILE C 140 12.79 -45.02 -18.07
N GLU C 141 13.62 -44.17 -18.70
CA GLU C 141 14.53 -43.29 -18.01
C GLU C 141 13.80 -42.35 -17.02
N VAL C 142 12.72 -41.78 -17.50
CA VAL C 142 11.92 -40.84 -16.70
C VAL C 142 11.26 -41.57 -15.56
N ILE C 143 10.62 -42.70 -15.86
CA ILE C 143 9.90 -43.41 -14.82
C ILE C 143 10.90 -44.01 -13.82
N THR C 144 12.03 -44.50 -14.31
CA THR C 144 13.00 -45.06 -13.36
C THR C 144 13.44 -44.02 -12.34
N LYS C 145 13.75 -42.83 -12.83
CA LYS C 145 14.15 -41.73 -11.95
C LYS C 145 13.05 -41.36 -10.94
N GLN C 146 11.80 -41.29 -11.41
CA GLN C 146 10.70 -40.96 -10.52
C GLN C 146 10.48 -42.03 -9.43
N VAL C 147 10.56 -43.27 -9.82
CA VAL C 147 10.33 -44.39 -8.92
C VAL C 147 11.50 -44.51 -7.93
N LYS C 148 12.73 -44.38 -8.44
CA LYS C 148 13.90 -44.41 -7.57
C LYS C 148 13.97 -43.27 -6.56
N ALA C 149 13.19 -42.21 -6.79
CA ALA C 149 13.08 -41.10 -5.78
C ALA C 149 12.57 -41.54 -4.46
N PHE C 150 11.76 -42.60 -4.45
CA PHE C 150 11.08 -43.01 -3.21
C PHE C 150 11.05 -44.52 -2.92
N VAL C 151 11.44 -45.37 -3.88
CA VAL C 151 11.05 -46.79 -3.77
C VAL C 151 11.74 -47.50 -2.58
N ASP C 152 12.93 -47.03 -2.21
CA ASP C 152 13.68 -47.69 -1.12
C ASP C 152 12.99 -47.47 0.20
N LEU C 153 12.03 -46.54 0.26
CA LEU C 153 11.35 -46.34 1.54
C LEU C 153 10.25 -47.38 1.82
N ILE C 154 9.82 -48.14 0.82
CA ILE C 154 8.67 -49.05 0.96
C ILE C 154 9.08 -50.24 1.85
N ASP C 155 8.38 -50.36 2.98
CA ASP C 155 8.69 -51.45 3.91
C ASP C 155 7.71 -52.61 3.63
N ASN C 156 6.42 -52.29 3.51
CA ASN C 156 5.39 -53.28 3.36
C ASN C 156 4.76 -53.05 2.00
N PHE C 157 4.89 -54.04 1.13
CA PHE C 157 4.48 -53.84 -0.27
C PHE C 157 2.97 -53.97 -0.51
N ASP C 158 2.19 -54.21 0.53
CA ASP C 158 0.72 -54.06 0.43
C ASP C 158 0.26 -52.61 0.71
N ASN C 159 1.12 -51.81 1.33
CA ASN C 159 0.69 -50.53 1.85
C ASN C 159 1.11 -49.34 0.97
N VAL C 160 1.88 -49.59 -0.08
CA VAL C 160 2.21 -48.56 -1.08
C VAL C 160 1.69 -49.07 -2.39
N ILE C 161 0.95 -48.23 -3.10
CA ILE C 161 0.30 -48.61 -4.34
C ILE C 161 0.91 -47.62 -5.38
N LEU C 162 1.36 -48.11 -6.54
CA LEU C 162 1.95 -47.21 -7.52
C LEU C 162 0.88 -46.89 -8.57
N VAL C 163 0.97 -45.73 -9.17
CA VAL C 163 0.01 -45.32 -10.22
C VAL C 163 0.82 -44.79 -11.38
N TYR C 164 0.61 -45.41 -12.55
CA TYR C 164 1.24 -44.87 -13.77
C TYR C 164 0.30 -43.88 -14.42
N GLU C 165 0.77 -42.64 -14.61
CA GLU C 165 -0.12 -41.62 -15.23
C GLU C 165 0.52 -41.35 -16.60
N PRO C 166 -0.15 -41.75 -17.67
CA PRO C 166 0.44 -41.52 -19.01
C PRO C 166 0.22 -40.08 -19.48
N LEU C 167 1.07 -39.13 -19.02
CA LEU C 167 0.81 -37.69 -19.22
C LEU C 167 0.83 -37.36 -20.70
N TRP C 168 1.60 -38.17 -21.47
CA TRP C 168 1.61 -38.10 -22.91
C TRP C 168 0.27 -38.27 -23.62
N ALA C 169 -0.70 -38.85 -22.90
CA ALA C 169 -2.08 -39.19 -23.37
C ALA C 169 -3.15 -38.53 -22.50
N ILE C 170 -2.82 -37.40 -21.89
CA ILE C 170 -3.76 -36.67 -21.01
C ILE C 170 -3.77 -35.26 -21.50
N GLY C 171 -4.89 -34.86 -22.09
CA GLY C 171 -5.03 -33.50 -22.66
C GLY C 171 -4.13 -33.21 -23.84
N THR C 172 -3.62 -34.26 -24.50
CA THR C 172 -2.69 -34.07 -25.59
C THR C 172 -3.31 -34.43 -26.95
N GLY C 173 -4.51 -35.01 -26.95
CA GLY C 173 -5.08 -35.64 -28.15
C GLY C 173 -4.47 -36.99 -28.53
N LYS C 174 -3.57 -37.57 -27.69
CA LYS C 174 -3.17 -39.01 -27.83
C LYS C 174 -4.04 -39.89 -26.89
N THR C 175 -4.21 -41.16 -27.23
CA THR C 175 -4.95 -42.10 -26.37
C THR C 175 -4.08 -43.36 -26.17
N ALA C 176 -3.82 -43.75 -24.93
CA ALA C 176 -3.02 -44.94 -24.67
C ALA C 176 -3.90 -46.17 -24.95
N THR C 177 -3.38 -47.18 -25.67
CA THR C 177 -4.12 -48.45 -25.73
C THR C 177 -3.86 -49.22 -24.45
N PRO C 178 -4.72 -50.22 -24.12
CA PRO C 178 -4.42 -51.05 -22.96
C PRO C 178 -3.08 -51.75 -23.06
N GLU C 179 -2.73 -52.18 -24.27
CA GLU C 179 -1.46 -52.81 -24.46
C GLU C 179 -0.32 -51.82 -24.19
N GLN C 180 -0.45 -50.59 -24.63
CA GLN C 180 0.65 -49.62 -24.34
C GLN C 180 0.78 -49.39 -22.83
N ALA C 181 -0.35 -49.42 -22.14
CA ALA C 181 -0.37 -49.29 -20.66
C ALA C 181 0.31 -50.50 -20.01
N GLN C 182 -0.14 -51.69 -20.44
CA GLN C 182 0.44 -52.93 -19.95
C GLN C 182 1.98 -52.90 -20.12
N LEU C 183 2.47 -52.43 -21.27
CA LEU C 183 3.93 -52.49 -21.52
C LEU C 183 4.71 -51.66 -20.51
N VAL C 184 4.16 -50.50 -20.14
CA VAL C 184 4.83 -49.65 -19.07
C VAL C 184 4.73 -50.31 -17.68
N HIS C 185 3.54 -50.80 -17.36
CA HIS C 185 3.32 -51.45 -16.04
C HIS C 185 4.32 -52.60 -15.87
N LYS C 186 4.54 -53.38 -16.93
CA LYS C 186 5.49 -54.50 -16.83
C LYS C 186 6.92 -53.96 -16.52
N GLU C 187 7.25 -52.85 -17.17
CA GLU C 187 8.56 -52.20 -16.91
C GLU C 187 8.71 -51.63 -15.50
N ILE C 188 7.62 -51.03 -14.99
CA ILE C 188 7.59 -50.56 -13.62
C ILE C 188 7.76 -51.76 -12.70
N ARG C 189 7.07 -52.85 -12.97
CA ARG C 189 7.18 -53.95 -12.04
C ARG C 189 8.64 -54.48 -12.06
N LYS C 190 9.24 -54.44 -13.23
CA LYS C 190 10.68 -54.92 -13.34
C LYS C 190 11.66 -54.01 -12.56
N ILE C 191 11.39 -52.70 -12.61
CA ILE C 191 12.13 -51.71 -11.77
C ILE C 191 11.99 -52.07 -10.28
N VAL C 192 10.80 -52.43 -9.86
CA VAL C 192 10.60 -52.79 -8.47
C VAL C 192 11.30 -54.13 -8.14
N LYS C 193 11.24 -55.07 -9.06
CA LYS C 193 11.92 -56.36 -8.86
C LYS C 193 13.45 -56.19 -8.68
N ASP C 194 14.06 -55.37 -9.53
CA ASP C 194 15.50 -55.17 -9.49
C ASP C 194 15.99 -54.31 -8.36
N THR C 195 15.14 -53.42 -7.86
CA THR C 195 15.58 -52.53 -6.81
C THR C 195 15.17 -53.03 -5.46
N CYS C 196 14.05 -53.78 -5.40
CA CYS C 196 13.45 -54.28 -4.13
C CYS C 196 13.32 -55.80 -3.99
N GLY C 197 13.33 -56.54 -5.09
CA GLY C 197 13.20 -58.00 -5.03
C GLY C 197 11.94 -58.50 -5.68
N GLU C 198 12.02 -59.74 -6.16
CA GLU C 198 10.91 -60.37 -6.91
C GLU C 198 9.60 -60.52 -6.12
N LYS C 199 9.67 -60.94 -4.85
CA LYS C 199 8.50 -61.23 -4.10
C LYS C 199 7.77 -59.88 -3.86
N GLN C 200 8.57 -58.86 -3.60
CA GLN C 200 8.07 -57.49 -3.35
C GLN C 200 7.39 -56.99 -4.64
N ALA C 201 8.05 -57.16 -5.79
CA ALA C 201 7.48 -56.69 -7.05
C ALA C 201 6.20 -57.47 -7.37
N ASN C 202 6.11 -58.76 -7.03
CA ASN C 202 4.83 -59.47 -7.28
C ASN C 202 3.69 -59.11 -6.34
N GLN C 203 3.98 -58.52 -5.17
CA GLN C 203 2.93 -58.08 -4.27
C GLN C 203 2.39 -56.70 -4.59
N ILE C 204 3.28 -55.79 -5.00
CA ILE C 204 2.83 -54.36 -5.10
C ILE C 204 1.76 -54.14 -6.21
N ARG C 205 0.71 -53.36 -5.90
CA ARG C 205 -0.28 -53.02 -6.91
C ARG C 205 0.27 -51.91 -7.74
N ILE C 206 0.09 -52.01 -9.07
CA ILE C 206 0.43 -50.89 -9.95
C ILE C 206 -0.84 -50.55 -10.70
N LEU C 207 -1.39 -49.38 -10.44
CA LEU C 207 -2.69 -48.97 -11.03
C LEU C 207 -2.47 -48.11 -12.28
N TYR C 208 -3.41 -48.17 -13.19
CA TYR C 208 -3.37 -47.24 -14.31
C TYR C 208 -4.13 -45.95 -13.94
N GLY C 209 -3.55 -44.81 -14.23
CA GLY C 209 -4.12 -43.52 -13.80
C GLY C 209 -4.33 -42.59 -14.97
N GLY C 210 -4.36 -43.17 -16.17
CA GLY C 210 -4.82 -42.46 -17.38
C GLY C 210 -6.34 -42.42 -17.44
N SER C 211 -6.91 -42.06 -18.57
CA SER C 211 -8.40 -41.92 -18.61
C SER C 211 -9.10 -43.27 -18.57
N VAL C 212 -9.99 -43.45 -17.57
CA VAL C 212 -10.64 -44.73 -17.35
C VAL C 212 -12.11 -44.40 -17.38
N ASN C 213 -12.90 -45.25 -18.07
CA ASN C 213 -14.35 -44.98 -18.10
C ASN C 213 -15.05 -46.35 -18.21
N THR C 214 -16.39 -46.37 -18.24
CA THR C 214 -17.08 -47.70 -18.29
C THR C 214 -16.77 -48.47 -19.56
N GLU C 215 -16.40 -47.76 -20.63
CA GLU C 215 -16.13 -48.39 -21.93
C GLU C 215 -14.75 -49.07 -22.01
N ASN C 216 -13.72 -48.54 -21.34
CA ASN C 216 -12.42 -49.20 -21.42
C ASN C 216 -11.95 -49.96 -20.18
N CYS C 217 -12.67 -49.84 -19.06
CA CYS C 217 -12.16 -50.44 -17.82
C CYS C 217 -11.84 -51.94 -17.89
N SER C 218 -12.74 -52.75 -18.45
CA SER C 218 -12.43 -54.19 -18.46
C SER C 218 -11.18 -54.52 -19.31
N SER C 219 -11.05 -53.82 -20.42
CA SER C 219 -9.88 -54.02 -21.29
C SER C 219 -8.56 -53.71 -20.56
N LEU C 220 -8.61 -52.76 -19.61
CA LEU C 220 -7.41 -52.40 -18.88
C LEU C 220 -7.13 -53.38 -17.73
N ILE C 221 -8.14 -53.71 -16.93
CA ILE C 221 -7.91 -54.50 -15.76
C ILE C 221 -7.48 -55.95 -16.16
N GLN C 222 -7.87 -56.38 -17.37
CA GLN C 222 -7.56 -57.74 -17.95
C GLN C 222 -6.03 -57.83 -18.10
N GLN C 223 -5.35 -56.69 -18.24
CA GLN C 223 -3.88 -56.75 -18.54
C GLN C 223 -3.15 -57.34 -17.36
N GLU C 224 -2.06 -58.11 -17.60
CA GLU C 224 -1.47 -58.87 -16.50
C GLU C 224 -0.87 -58.00 -15.39
N ASP C 225 -0.38 -56.84 -15.77
CA ASP C 225 0.36 -56.01 -14.84
C ASP C 225 -0.41 -54.78 -14.41
N ILE C 226 -1.67 -54.70 -14.78
CA ILE C 226 -2.52 -53.54 -14.36
C ILE C 226 -3.43 -54.09 -13.26
N ASP C 227 -3.40 -53.50 -12.04
CA ASP C 227 -4.02 -54.06 -10.85
C ASP C 227 -5.21 -53.26 -10.37
N GLY C 228 -5.55 -52.27 -11.18
CA GLY C 228 -6.65 -51.37 -10.89
C GLY C 228 -6.41 -49.99 -11.47
N PHE C 229 -7.13 -48.99 -10.91
CA PHE C 229 -7.15 -47.70 -11.54
C PHE C 229 -7.35 -46.63 -10.48
N LEU C 230 -6.79 -45.48 -10.80
CA LEU C 230 -7.09 -44.25 -10.00
C LEU C 230 -7.90 -43.44 -11.02
N VAL C 231 -9.19 -43.34 -10.77
CA VAL C 231 -10.10 -42.83 -11.77
C VAL C 231 -10.50 -41.42 -11.54
N GLY C 232 -10.58 -40.61 -12.60
CA GLY C 232 -10.88 -39.18 -12.43
C GLY C 232 -12.39 -38.93 -12.61
N ASN C 233 -12.75 -38.17 -13.64
CA ASN C 233 -14.16 -37.74 -13.80
C ASN C 233 -15.19 -38.84 -13.85
N ALA C 234 -14.83 -40.01 -14.35
CA ALA C 234 -15.81 -41.14 -14.35
C ALA C 234 -16.20 -41.59 -12.94
N SER C 235 -15.37 -41.24 -11.94
CA SER C 235 -15.69 -41.58 -10.57
C SER C 235 -16.69 -40.60 -9.90
N LEU C 236 -17.07 -39.54 -10.59
CA LEU C 236 -18.06 -38.62 -10.05
C LEU C 236 -19.47 -39.02 -10.56
N LYS C 237 -19.54 -40.13 -11.28
CA LYS C 237 -20.83 -40.58 -11.87
C LYS C 237 -21.29 -41.82 -11.17
N GLU C 238 -22.64 -41.99 -11.11
CA GLU C 238 -23.14 -43.21 -10.50
C GLU C 238 -22.68 -44.48 -11.24
N SER C 239 -22.35 -44.34 -12.52
CA SER C 239 -21.84 -45.50 -13.28
C SER C 239 -20.44 -46.01 -12.88
N PHE C 240 -19.78 -45.29 -11.98
CA PHE C 240 -18.54 -45.74 -11.38
C PHE C 240 -18.69 -47.14 -10.81
N VAL C 241 -19.93 -47.48 -10.40
CA VAL C 241 -20.12 -48.85 -9.89
C VAL C 241 -19.79 -49.90 -10.95
N ASP C 242 -19.98 -49.57 -12.23
CA ASP C 242 -19.66 -50.55 -13.31
C ASP C 242 -18.14 -50.69 -13.46
N ILE C 243 -17.40 -49.59 -13.16
CA ILE C 243 -15.92 -49.66 -13.12
C ILE C 243 -15.44 -50.57 -11.99
N ILE C 244 -16.07 -50.45 -10.81
CA ILE C 244 -15.71 -51.31 -9.70
C ILE C 244 -16.06 -52.75 -10.11
N LYS C 245 -17.19 -52.92 -10.80
CA LYS C 245 -17.66 -54.28 -11.16
C LYS C 245 -16.68 -55.00 -12.07
N SER C 246 -16.00 -54.21 -12.91
CA SER C 246 -14.98 -54.76 -13.83
C SER C 246 -13.83 -55.40 -13.08
N ALA C 247 -13.63 -55.04 -11.83
CA ALA C 247 -12.60 -55.66 -11.02
C ALA C 247 -13.10 -56.69 -10.02
N MET C 248 -14.37 -57.03 -10.14
CA MET C 248 -14.98 -58.02 -9.20
C MET C 248 -14.92 -59.45 -9.70
N ARG D 3 -17.82 48.51 -16.78
CA ARG D 3 -16.73 47.71 -16.08
C ARG D 3 -16.10 46.83 -17.13
N LYS D 4 -14.77 46.84 -17.22
CA LYS D 4 -14.02 45.85 -18.02
C LYS D 4 -14.18 44.45 -17.41
N TYR D 5 -14.66 43.52 -18.22
CA TYR D 5 -14.79 42.15 -17.78
C TYR D 5 -13.43 41.46 -17.46
N PHE D 6 -13.48 40.40 -16.66
CA PHE D 6 -12.22 39.87 -16.09
C PHE D 6 -12.39 38.41 -16.01
N VAL D 7 -11.58 37.67 -16.80
CA VAL D 7 -11.71 36.23 -16.78
C VAL D 7 -10.36 35.64 -16.38
N ALA D 8 -10.37 34.76 -15.37
CA ALA D 8 -9.12 34.30 -14.83
C ALA D 8 -9.06 32.80 -14.78
N ALA D 9 -7.89 32.23 -15.13
CA ALA D 9 -7.62 30.79 -15.11
C ALA D 9 -6.88 30.50 -13.79
N ASN D 10 -7.52 29.77 -12.88
CA ASN D 10 -6.82 29.35 -11.63
C ASN D 10 -6.44 27.89 -11.83
N TRP D 11 -5.18 27.70 -12.21
CA TRP D 11 -4.68 26.36 -12.42
C TRP D 11 -4.50 25.54 -11.14
N LYS D 12 -4.56 26.20 -9.97
CA LYS D 12 -4.35 25.54 -8.64
C LYS D 12 -3.11 24.68 -8.77
N CYS D 13 -3.11 23.49 -8.16
CA CYS D 13 -1.84 22.72 -8.10
C CYS D 13 -1.77 21.66 -9.25
N ASN D 14 -1.55 22.15 -10.49
CA ASN D 14 -1.71 21.30 -11.67
C ASN D 14 -0.79 21.83 -12.75
N GLY D 15 -0.16 20.90 -13.46
CA GLY D 15 0.59 21.27 -14.66
C GLY D 15 1.91 20.55 -14.72
N THR D 16 2.41 20.38 -15.93
CA THR D 16 3.74 19.94 -16.17
C THR D 16 4.28 20.96 -17.21
N LEU D 17 5.58 20.90 -17.46
CA LEU D 17 6.15 21.82 -18.45
C LEU D 17 5.49 21.54 -19.81
N GLU D 18 5.21 20.27 -20.10
CA GLU D 18 4.69 19.94 -21.42
C GLU D 18 3.23 20.29 -21.54
N SER D 19 2.46 20.01 -20.49
CA SER D 19 1.03 20.31 -20.51
C SER D 19 0.86 21.85 -20.64
N ILE D 20 1.72 22.63 -19.99
CA ILE D 20 1.60 24.08 -20.08
C ILE D 20 2.01 24.61 -21.48
N LYS D 21 3.04 24.00 -22.06
CA LYS D 21 3.35 24.31 -23.48
C LYS D 21 2.11 24.15 -24.38
N SER D 22 1.42 22.98 -24.30
CA SER D 22 0.26 22.70 -25.19
C SER D 22 -0.82 23.71 -24.90
N LEU D 23 -1.12 23.91 -23.62
CA LEU D 23 -2.23 24.73 -23.23
C LEU D 23 -2.04 26.20 -23.59
N THR D 24 -0.87 26.72 -23.33
CA THR D 24 -0.66 28.15 -23.65
C THR D 24 -0.64 28.34 -25.16
N ASN D 25 -0.15 27.35 -25.90
CA ASN D 25 -0.20 27.46 -27.33
C ASN D 25 -1.66 27.56 -27.86
N SER D 26 -2.59 26.81 -27.27
CA SER D 26 -3.99 27.01 -27.64
C SER D 26 -4.54 28.32 -27.17
N PHE D 27 -4.15 28.82 -26.01
CA PHE D 27 -4.74 30.05 -25.52
C PHE D 27 -4.24 31.18 -26.41
N ASN D 28 -3.01 31.07 -26.91
CA ASN D 28 -2.39 32.21 -27.68
C ASN D 28 -3.12 32.35 -29.05
N ASN D 29 -3.77 31.28 -29.48
CA ASN D 29 -4.58 31.34 -30.74
C ASN D 29 -5.85 32.18 -30.65
N LEU D 30 -6.34 32.51 -29.45
CA LEU D 30 -7.50 33.40 -29.32
C LEU D 30 -7.09 34.90 -29.50
N ASP D 31 -7.61 35.57 -30.54
CA ASP D 31 -7.31 36.99 -30.73
C ASP D 31 -8.32 37.77 -29.92
N PHE D 32 -7.95 38.29 -28.77
CA PHE D 32 -8.83 39.15 -28.02
C PHE D 32 -8.04 40.44 -27.80
N ASP D 33 -8.75 41.46 -27.42
CA ASP D 33 -8.16 42.78 -27.26
C ASP D 33 -8.01 43.06 -25.74
N PRO D 34 -6.76 43.08 -25.22
CA PRO D 34 -6.59 43.26 -23.80
C PRO D 34 -7.01 44.62 -23.31
N SER D 35 -7.24 45.58 -24.21
CA SER D 35 -7.84 46.87 -23.80
C SER D 35 -9.28 46.80 -23.53
N LYS D 36 -9.94 45.74 -23.99
CA LYS D 36 -11.35 45.57 -23.82
C LYS D 36 -11.70 44.61 -22.69
N LEU D 37 -10.79 43.69 -22.41
CA LEU D 37 -11.13 42.53 -21.60
C LEU D 37 -9.84 42.14 -20.86
N ASP D 38 -9.95 41.82 -19.60
CA ASP D 38 -8.78 41.29 -18.83
C ASP D 38 -8.82 39.80 -18.82
N VAL D 39 -7.70 39.13 -19.16
CA VAL D 39 -7.68 37.70 -19.09
C VAL D 39 -6.42 37.37 -18.32
N VAL D 40 -6.56 36.64 -17.23
CA VAL D 40 -5.39 36.41 -16.34
C VAL D 40 -5.21 34.92 -16.11
N VAL D 41 -3.93 34.47 -16.17
CA VAL D 41 -3.59 33.09 -15.93
C VAL D 41 -2.80 33.03 -14.60
N PHE D 42 -3.12 32.06 -13.73
CA PHE D 42 -2.44 31.98 -12.43
C PHE D 42 -1.84 30.58 -12.24
N PRO D 43 -0.61 30.41 -12.71
CA PRO D 43 0.02 29.11 -12.62
C PRO D 43 0.57 28.90 -11.20
N VAL D 44 1.01 27.69 -10.96
CA VAL D 44 1.81 27.39 -9.75
C VAL D 44 3.10 28.26 -9.75
N SER D 45 3.59 28.67 -8.55
CA SER D 45 4.71 29.59 -8.44
C SER D 45 5.91 29.14 -9.27
N VAL D 46 6.24 27.86 -9.19
CA VAL D 46 7.49 27.33 -9.86
C VAL D 46 7.22 27.20 -11.37
N HIS D 47 5.97 27.41 -11.78
CA HIS D 47 5.64 27.38 -13.26
C HIS D 47 5.49 28.79 -13.79
N TYR D 48 5.54 29.80 -12.93
CA TYR D 48 5.28 31.20 -13.39
C TYR D 48 6.19 31.63 -14.54
N ASP D 49 7.49 31.39 -14.37
CA ASP D 49 8.42 31.84 -15.40
C ASP D 49 8.15 31.20 -16.77
N HIS D 50 8.00 29.87 -16.76
CA HIS D 50 7.70 29.13 -18.00
C HIS D 50 6.39 29.64 -18.62
N THR D 51 5.37 29.85 -17.81
CA THR D 51 4.00 30.22 -18.30
C THR D 51 4.06 31.64 -18.86
N ARG D 52 4.73 32.54 -18.14
CA ARG D 52 4.81 33.91 -18.60
C ARG D 52 5.56 33.97 -19.92
N LYS D 53 6.64 33.19 -20.05
CA LYS D 53 7.41 33.20 -21.30
C LYS D 53 6.61 32.67 -22.44
N LEU D 54 5.73 31.70 -22.19
CA LEU D 54 4.91 31.12 -23.27
C LEU D 54 3.67 31.92 -23.68
N LEU D 55 3.02 32.60 -22.73
CA LEU D 55 1.78 33.32 -23.05
C LEU D 55 2.14 34.66 -23.68
N GLN D 56 1.44 35.01 -24.75
CA GLN D 56 1.54 36.34 -25.35
C GLN D 56 1.11 37.42 -24.34
N SER D 57 1.65 38.60 -24.51
CA SER D 57 1.50 39.65 -23.52
C SER D 57 0.06 40.13 -23.33
N LYS D 58 -0.83 39.88 -24.29
CA LYS D 58 -2.28 40.08 -24.07
C LYS D 58 -2.85 39.36 -22.81
N PHE D 59 -2.25 38.23 -22.45
CA PHE D 59 -2.60 37.51 -21.20
C PHE D 59 -1.83 38.17 -20.08
N SER D 60 -2.55 38.50 -19.03
CA SER D 60 -1.92 38.91 -17.81
C SER D 60 -1.62 37.63 -16.98
N THR D 61 -0.71 37.77 -16.04
CA THR D 61 -0.35 36.64 -15.19
C THR D 61 -0.28 37.00 -13.73
N GLY D 62 -0.38 35.99 -12.89
CA GLY D 62 -0.33 36.25 -11.47
C GLY D 62 0.04 35.04 -10.69
N ILE D 63 0.10 35.15 -9.36
CA ILE D 63 0.32 33.96 -8.51
C ILE D 63 -0.88 33.68 -7.60
N GLN D 64 -0.96 32.44 -7.10
CA GLN D 64 -2.14 32.01 -6.37
C GLN D 64 -2.18 32.37 -4.89
N ASN D 65 -1.09 32.91 -4.39
CA ASN D 65 -1.00 33.34 -2.94
C ASN D 65 0.17 34.31 -2.81
N VAL D 66 0.27 35.10 -1.74
CA VAL D 66 1.39 35.99 -1.51
C VAL D 66 1.55 35.98 0.02
N SER D 67 2.75 36.30 0.51
CA SER D 67 2.97 36.32 1.98
C SER D 67 2.30 37.55 2.69
N LYS D 68 1.93 37.37 3.96
CA LYS D 68 1.54 38.54 4.79
C LYS D 68 2.74 39.24 5.41
N PHE D 69 3.95 38.72 5.20
CA PHE D 69 5.15 39.30 5.71
C PHE D 69 5.92 39.89 4.55
N GLY D 70 6.82 40.80 4.91
CA GLY D 70 7.73 41.38 3.94
C GLY D 70 8.85 40.39 3.69
N ASN D 71 9.92 40.86 3.09
CA ASN D 71 11.16 40.02 2.98
C ASN D 71 11.70 39.70 4.35
N GLY D 72 12.46 38.60 4.47
CA GLY D 72 13.19 38.31 5.69
C GLY D 72 12.98 36.84 5.98
N SER D 73 13.00 36.50 7.28
CA SER D 73 13.15 35.09 7.65
C SER D 73 11.81 34.35 7.74
N TYR D 74 11.22 34.06 6.56
CA TYR D 74 9.88 33.45 6.49
C TYR D 74 10.01 32.37 5.47
N ASN D 75 10.72 31.31 5.88
CA ASN D 75 10.93 30.16 4.98
C ASN D 75 9.70 29.71 4.17
N GLY D 76 9.82 29.61 2.81
CA GLY D 76 8.74 29.06 2.05
C GLY D 76 7.77 30.12 1.57
N GLU D 77 7.94 31.37 2.04
CA GLU D 77 6.95 32.40 1.62
C GLU D 77 7.42 33.21 0.42
N VAL D 78 6.44 33.83 -0.28
CA VAL D 78 6.79 34.73 -1.41
C VAL D 78 6.23 36.14 -1.06
N SER D 79 7.12 37.13 -0.87
CA SER D 79 6.68 38.50 -0.47
C SER D 79 6.12 39.25 -1.67
N ALA D 80 5.24 40.22 -1.35
CA ALA D 80 4.78 41.15 -2.39
C ALA D 80 5.92 41.89 -3.02
N GLU D 81 6.97 42.17 -2.23
CA GLU D 81 8.14 42.89 -2.77
C GLU D 81 8.83 42.01 -3.85
N ILE D 82 8.95 40.73 -3.56
CA ILE D 82 9.51 39.76 -4.57
C ILE D 82 8.60 39.73 -5.79
N ALA D 83 7.31 39.61 -5.58
CA ALA D 83 6.39 39.56 -6.76
C ALA D 83 6.54 40.88 -7.62
N LYS D 84 6.64 42.03 -6.95
CA LYS D 84 6.76 43.31 -7.68
C LYS D 84 8.02 43.32 -8.55
N ASP D 85 9.12 42.87 -7.95
CA ASP D 85 10.37 42.85 -8.66
C ASP D 85 10.36 41.95 -9.87
N LEU D 86 9.55 40.88 -9.85
CA LEU D 86 9.41 39.97 -10.97
C LEU D 86 8.37 40.43 -11.96
N ASN D 87 7.75 41.59 -11.71
CA ASN D 87 6.59 42.10 -12.49
C ASN D 87 5.39 41.16 -12.54
N ILE D 88 5.22 40.38 -11.46
CA ILE D 88 4.00 39.60 -11.26
C ILE D 88 2.86 40.58 -11.07
N GLU D 89 1.82 40.50 -11.90
CA GLU D 89 0.86 41.62 -11.96
C GLU D 89 -0.29 41.42 -10.97
N TYR D 90 -0.68 40.18 -10.80
CA TYR D 90 -1.81 39.83 -9.86
C TYR D 90 -1.47 38.82 -8.79
N VAL D 91 -2.18 38.91 -7.65
CA VAL D 91 -2.17 37.83 -6.62
C VAL D 91 -3.59 37.43 -6.30
N ILE D 92 -3.77 36.15 -5.98
CA ILE D 92 -5.08 35.71 -5.44
C ILE D 92 -4.90 35.73 -3.91
N ILE D 93 -5.90 36.25 -3.22
CA ILE D 93 -5.78 36.35 -1.76
C ILE D 93 -7.09 35.81 -1.23
N GLY D 94 -6.99 35.03 -0.13
CA GLY D 94 -8.18 34.58 0.54
C GLY D 94 -8.93 33.45 -0.08
N HIS D 95 -8.33 32.77 -1.05
CA HIS D 95 -8.99 31.65 -1.66
C HIS D 95 -9.49 30.63 -0.61
N PHE D 96 -10.67 30.00 -0.84
CA PHE D 96 -11.22 29.17 0.26
C PHE D 96 -10.28 27.99 0.65
N GLU D 97 -9.53 27.44 -0.33
CA GLU D 97 -8.58 26.37 -0.09
C GLU D 97 -7.51 26.83 0.86
N ARG D 98 -7.07 28.06 0.79
CA ARG D 98 -6.15 28.52 1.85
C ARG D 98 -6.79 28.67 3.25
N ARG D 99 -8.01 29.22 3.29
CA ARG D 99 -8.77 29.29 4.56
C ARG D 99 -9.04 27.91 5.18
N LYS D 100 -9.33 26.93 4.32
CA LYS D 100 -9.69 25.60 4.70
C LYS D 100 -8.46 24.80 5.13
N TYR D 101 -7.49 24.57 4.22
CA TYR D 101 -6.29 23.71 4.53
C TYR D 101 -5.19 24.36 5.30
N PHE D 102 -5.14 25.68 5.26
CA PHE D 102 -3.93 26.40 5.67
C PHE D 102 -4.29 27.46 6.70
N HIS D 103 -5.50 27.33 7.22
CA HIS D 103 -6.00 28.16 8.31
C HIS D 103 -5.84 29.63 8.11
N GLU D 104 -5.94 30.11 6.85
CA GLU D 104 -5.82 31.48 6.60
C GLU D 104 -7.01 32.27 7.20
N THR D 105 -6.76 33.42 7.81
CA THR D 105 -7.86 34.15 8.53
C THR D 105 -8.17 35.51 7.80
N ASP D 106 -9.22 36.22 8.26
CA ASP D 106 -9.53 37.54 7.78
C ASP D 106 -8.39 38.50 8.09
N GLU D 107 -7.74 38.34 9.24
CA GLU D 107 -6.59 39.23 9.55
C GLU D 107 -5.49 38.98 8.48
N ASP D 108 -5.36 37.73 8.02
CA ASP D 108 -4.30 37.36 7.04
C ASP D 108 -4.58 37.95 5.69
N VAL D 109 -5.83 37.87 5.28
CA VAL D 109 -6.31 38.56 4.07
C VAL D 109 -6.03 40.07 4.12
N ARG D 110 -6.43 40.75 5.21
CA ARG D 110 -6.13 42.17 5.24
C ARG D 110 -4.61 42.47 5.17
N GLU D 111 -3.79 41.66 5.88
CA GLU D 111 -2.36 41.96 5.88
C GLU D 111 -1.78 41.76 4.45
N LYS D 112 -2.26 40.71 3.82
CA LYS D 112 -1.78 40.30 2.49
C LYS D 112 -2.22 41.38 1.50
N LEU D 113 -3.45 41.88 1.62
CA LEU D 113 -3.87 42.97 0.72
C LEU D 113 -3.04 44.23 0.89
N GLN D 114 -2.85 44.59 2.14
CA GLN D 114 -2.08 45.79 2.45
C GLN D 114 -0.68 45.65 1.84
N ALA D 115 -0.06 44.47 1.98
CA ALA D 115 1.30 44.19 1.47
C ALA D 115 1.30 44.30 -0.08
N SER D 116 0.27 43.72 -0.70
CA SER D 116 0.17 43.66 -2.17
C SER D 116 -0.02 45.07 -2.70
N LEU D 117 -0.92 45.83 -2.07
CA LEU D 117 -1.13 47.22 -2.57
C LEU D 117 0.03 48.15 -2.34
N LYS D 118 0.72 48.00 -1.19
CA LYS D 118 1.95 48.76 -0.90
C LYS D 118 2.93 48.56 -2.08
N ASN D 119 2.91 47.35 -2.63
CA ASN D 119 3.84 46.97 -3.67
C ASN D 119 3.34 47.05 -5.08
N ASN D 120 2.23 47.79 -5.28
CA ASN D 120 1.61 47.93 -6.64
C ASN D 120 1.19 46.65 -7.35
N LEU D 121 0.84 45.62 -6.60
CA LEU D 121 0.23 44.41 -7.17
C LEU D 121 -1.25 44.68 -7.21
N LYS D 122 -1.94 43.97 -8.11
CA LYS D 122 -3.38 43.92 -8.22
C LYS D 122 -3.79 42.66 -7.56
N ALA D 123 -4.90 42.72 -6.85
CA ALA D 123 -5.32 41.67 -5.95
C ALA D 123 -6.71 41.18 -6.35
N VAL D 124 -6.83 39.88 -6.38
CA VAL D 124 -8.04 39.19 -6.61
C VAL D 124 -8.39 38.57 -5.24
N VAL D 125 -9.33 39.24 -4.55
CA VAL D 125 -9.63 38.88 -3.16
C VAL D 125 -10.91 38.06 -3.05
N CYS D 126 -10.81 36.85 -2.45
CA CYS D 126 -11.86 35.84 -2.41
C CYS D 126 -12.51 35.69 -0.99
N PHE D 127 -13.81 35.50 -1.00
CA PHE D 127 -14.59 35.29 0.27
C PHE D 127 -15.88 34.58 -0.10
N GLY D 128 -16.66 34.21 0.92
CA GLY D 128 -17.80 33.37 0.65
C GLY D 128 -18.25 32.66 1.93
N GLU D 129 -19.56 32.34 1.99
CA GLU D 129 -20.19 31.62 3.15
C GLU D 129 -20.38 30.14 2.94
N SER D 130 -20.34 29.38 4.05
CA SER D 130 -20.50 27.92 3.99
C SER D 130 -21.99 27.54 3.98
N LEU D 131 -22.23 26.26 3.69
CA LEU D 131 -23.57 25.66 3.77
C LEU D 131 -24.25 25.93 5.14
N GLU D 132 -23.55 25.71 6.25
CA GLU D 132 -24.12 25.96 7.60
C GLU D 132 -24.53 27.41 7.76
N GLN D 133 -23.64 28.33 7.33
CA GLN D 133 -23.91 29.77 7.39
C GLN D 133 -25.11 30.21 6.51
N ARG D 134 -25.26 29.54 5.35
CA ARG D 134 -26.39 29.72 4.42
C ARG D 134 -27.74 29.20 5.02
N GLU D 135 -27.75 27.95 5.51
CA GLU D 135 -28.92 27.37 6.28
C GLU D 135 -29.43 28.28 7.40
N GLN D 136 -28.51 28.83 8.21
CA GLN D 136 -28.83 29.75 9.29
C GLN D 136 -28.94 31.14 8.74
N LYS D 138 -27.22 33.40 7.49
CA LYS D 138 -26.12 34.30 7.88
C LYS D 138 -25.30 34.88 6.66
N THR D 139 -25.79 34.67 5.43
CA THR D 139 -25.02 35.05 4.22
C THR D 139 -24.46 36.51 4.24
N ILE D 140 -25.31 37.47 4.57
CA ILE D 140 -24.93 38.86 4.46
C ILE D 140 -23.99 39.31 5.62
N GLU D 141 -24.29 38.81 6.85
CA GLU D 141 -23.47 38.98 8.09
C GLU D 141 -22.07 38.49 7.80
N VAL D 142 -21.97 37.27 7.26
CA VAL D 142 -20.67 36.62 7.02
C VAL D 142 -19.89 37.29 5.88
N ILE D 143 -20.55 37.49 4.75
CA ILE D 143 -19.83 38.19 3.67
C ILE D 143 -19.45 39.64 4.04
N THR D 144 -20.27 40.30 4.84
CA THR D 144 -19.96 41.65 5.23
C THR D 144 -18.75 41.71 6.14
N LYS D 145 -18.70 40.79 7.12
CA LYS D 145 -17.57 40.66 8.05
C LYS D 145 -16.34 40.47 7.14
N GLN D 146 -16.51 39.60 6.15
CA GLN D 146 -15.37 39.27 5.25
C GLN D 146 -14.85 40.39 4.38
N VAL D 147 -15.73 41.22 3.79
CA VAL D 147 -15.29 42.33 2.92
C VAL D 147 -14.76 43.43 3.82
N LYS D 148 -15.40 43.61 4.98
CA LYS D 148 -14.99 44.72 5.84
C LYS D 148 -13.66 44.42 6.54
N ALA D 149 -13.21 43.18 6.54
CA ALA D 149 -11.82 42.84 6.92
C ALA D 149 -10.76 43.61 6.14
N PHE D 150 -11.05 43.90 4.87
CA PHE D 150 -9.99 44.48 4.00
C PHE D 150 -10.37 45.72 3.11
N VAL D 151 -11.67 46.03 3.04
CA VAL D 151 -12.12 46.97 2.02
C VAL D 151 -11.59 48.40 2.19
N ASP D 152 -11.36 48.81 3.41
CA ASP D 152 -10.83 50.17 3.66
C ASP D 152 -9.45 50.37 3.08
N LEU D 153 -8.78 49.26 2.74
CA LEU D 153 -7.42 49.32 2.11
C LEU D 153 -7.44 49.63 0.60
N ILE D 154 -8.55 49.34 -0.09
CA ILE D 154 -8.63 49.60 -1.55
C ILE D 154 -8.53 51.12 -1.88
N ASP D 155 -7.48 51.51 -2.61
CA ASP D 155 -7.13 52.92 -2.92
C ASP D 155 -7.43 53.24 -4.38
N ASN D 156 -7.46 52.21 -5.20
CA ASN D 156 -7.79 52.31 -6.63
C ASN D 156 -8.67 51.11 -6.98
N PHE D 157 -9.90 51.40 -7.33
CA PHE D 157 -10.94 50.35 -7.52
C PHE D 157 -10.94 49.55 -8.83
N ASP D 158 -9.98 49.84 -9.70
CA ASP D 158 -9.61 48.98 -10.82
C ASP D 158 -8.65 47.81 -10.40
N ASN D 159 -7.87 48.03 -9.33
CA ASN D 159 -6.75 47.15 -8.99
C ASN D 159 -7.06 46.07 -7.95
N VAL D 160 -8.30 46.08 -7.42
CA VAL D 160 -8.70 45.05 -6.49
C VAL D 160 -9.95 44.51 -7.14
N ILE D 161 -10.01 43.18 -7.24
CA ILE D 161 -11.10 42.45 -7.87
C ILE D 161 -11.61 41.56 -6.76
N LEU D 162 -12.92 41.58 -6.52
CA LEU D 162 -13.53 40.75 -5.50
C LEU D 162 -14.03 39.50 -6.17
N VAL D 163 -14.10 38.37 -5.45
CA VAL D 163 -14.57 37.11 -5.98
C VAL D 163 -15.41 36.49 -4.90
N TYR D 164 -16.65 36.14 -5.28
CA TYR D 164 -17.58 35.46 -4.39
C TYR D 164 -17.48 33.97 -4.67
N GLU D 165 -17.14 33.22 -3.62
CA GLU D 165 -17.05 31.75 -3.71
C GLU D 165 -18.21 31.15 -2.90
N PRO D 166 -19.11 30.45 -3.61
CA PRO D 166 -20.30 29.95 -2.91
C PRO D 166 -19.91 28.60 -2.26
N LEU D 167 -19.27 28.71 -1.10
CA LEU D 167 -18.73 27.54 -0.45
C LEU D 167 -19.90 26.63 -0.12
N TRP D 168 -21.08 27.22 0.15
CA TRP D 168 -22.27 26.41 0.33
C TRP D 168 -22.64 25.46 -0.82
N ALA D 169 -22.07 25.65 -2.01
CA ALA D 169 -22.45 24.82 -3.18
C ALA D 169 -21.37 23.82 -3.58
N ALA D 176 -25.13 26.41 -7.39
CA ALA D 176 -25.76 27.74 -7.30
C ALA D 176 -26.34 28.11 -8.66
N THR D 177 -27.56 28.63 -8.70
CA THR D 177 -28.02 29.17 -10.00
C THR D 177 -27.40 30.55 -10.31
N PRO D 178 -27.43 30.96 -11.61
CA PRO D 178 -26.99 32.33 -11.89
C PRO D 178 -27.77 33.41 -11.17
N GLU D 179 -29.08 33.08 -10.95
CA GLU D 179 -29.99 34.00 -10.30
C GLU D 179 -29.64 34.16 -8.82
N GLN D 180 -29.37 33.04 -8.15
CA GLN D 180 -28.87 33.06 -6.76
C GLN D 180 -27.51 33.77 -6.61
N ALA D 181 -26.62 33.51 -7.55
CA ALA D 181 -25.30 34.24 -7.65
C ALA D 181 -25.45 35.77 -7.78
N GLN D 182 -26.33 36.15 -8.71
CA GLN D 182 -26.61 37.55 -8.95
C GLN D 182 -27.02 38.28 -7.65
N LEU D 183 -27.95 37.67 -6.89
CA LEU D 183 -28.35 38.28 -5.63
C LEU D 183 -27.19 38.58 -4.66
N VAL D 184 -26.25 37.65 -4.55
CA VAL D 184 -25.11 37.84 -3.63
C VAL D 184 -24.23 38.97 -4.19
N HIS D 185 -24.01 38.89 -5.51
CA HIS D 185 -23.21 39.95 -6.16
C HIS D 185 -23.76 41.33 -5.91
N LYS D 186 -25.09 41.44 -6.06
CA LYS D 186 -25.72 42.71 -5.75
C LYS D 186 -25.44 43.12 -4.27
N GLU D 187 -25.56 42.15 -3.34
CA GLU D 187 -25.29 42.42 -1.93
C GLU D 187 -23.84 42.94 -1.72
N ILE D 188 -22.89 42.29 -2.41
CA ILE D 188 -21.50 42.64 -2.27
C ILE D 188 -21.29 44.04 -2.77
N ARG D 189 -21.84 44.34 -3.95
CA ARG D 189 -21.68 45.73 -4.46
C ARG D 189 -22.32 46.79 -3.48
N LYS D 190 -23.44 46.49 -2.90
CA LYS D 190 -24.02 47.35 -1.84
C LYS D 190 -23.04 47.57 -0.64
N ILE D 191 -22.33 46.51 -0.24
CA ILE D 191 -21.34 46.62 0.83
C ILE D 191 -20.25 47.58 0.43
N VAL D 192 -19.83 47.55 -0.84
CA VAL D 192 -18.77 48.44 -1.26
C VAL D 192 -19.33 49.86 -1.33
N LYS D 193 -20.51 50.00 -1.92
CA LYS D 193 -21.15 51.34 -2.04
C LYS D 193 -21.28 52.00 -0.65
N ASP D 194 -21.75 51.23 0.35
CA ASP D 194 -21.94 51.77 1.72
C ASP D 194 -20.63 52.12 2.40
N THR D 195 -19.56 51.43 2.03
CA THR D 195 -18.29 51.62 2.70
C THR D 195 -17.42 52.66 1.99
N CYS D 196 -17.33 52.56 0.66
CA CYS D 196 -16.35 53.32 -0.12
C CYS D 196 -17.00 54.34 -1.06
N GLY D 197 -18.29 54.18 -1.34
CA GLY D 197 -19.02 55.16 -2.14
C GLY D 197 -19.60 54.56 -3.42
N GLU D 198 -20.60 55.26 -3.96
CA GLU D 198 -21.34 54.91 -5.16
C GLU D 198 -20.49 54.63 -6.41
N LYS D 199 -19.59 55.55 -6.73
CA LYS D 199 -18.78 55.49 -7.92
C LYS D 199 -17.74 54.34 -7.77
N GLN D 200 -17.19 54.22 -6.54
CA GLN D 200 -16.22 53.12 -6.21
C GLN D 200 -16.91 51.76 -6.38
N ALA D 201 -18.10 51.62 -5.82
CA ALA D 201 -18.91 50.36 -5.99
C ALA D 201 -19.20 49.98 -7.41
N ASN D 202 -19.38 50.96 -8.27
CA ASN D 202 -19.71 50.69 -9.64
C ASN D 202 -18.50 50.39 -10.53
N GLN D 203 -17.33 50.83 -10.11
CA GLN D 203 -16.04 50.57 -10.75
C GLN D 203 -15.49 49.18 -10.42
N ILE D 204 -15.68 48.71 -9.18
CA ILE D 204 -14.99 47.41 -8.76
C ILE D 204 -15.54 46.17 -9.48
N ARG D 205 -14.68 45.28 -9.98
CA ARG D 205 -15.17 44.03 -10.57
C ARG D 205 -15.46 43.00 -9.47
N ILE D 206 -16.52 42.22 -9.64
CA ILE D 206 -16.96 41.29 -8.63
C ILE D 206 -17.17 40.03 -9.46
N LEU D 207 -16.31 39.01 -9.27
CA LEU D 207 -16.35 37.85 -10.12
C LEU D 207 -16.98 36.71 -9.42
N TYR D 208 -17.47 35.79 -10.24
CA TYR D 208 -18.03 34.60 -9.74
C TYR D 208 -16.91 33.57 -9.60
N GLY D 209 -16.82 33.01 -8.40
CA GLY D 209 -15.79 32.02 -8.05
C GLY D 209 -16.28 30.61 -7.79
N GLY D 210 -17.55 30.34 -8.05
CA GLY D 210 -18.13 29.00 -7.90
C GLY D 210 -17.75 28.23 -9.13
N SER D 211 -18.37 27.09 -9.41
CA SER D 211 -17.94 26.27 -10.57
C SER D 211 -18.38 26.87 -11.91
N VAL D 212 -17.43 27.19 -12.77
CA VAL D 212 -17.71 27.79 -14.06
C VAL D 212 -17.23 26.80 -15.10
N ASN D 213 -18.03 26.56 -16.14
CA ASN D 213 -17.59 25.74 -17.29
C ASN D 213 -18.13 26.32 -18.62
N THR D 214 -17.93 25.64 -19.76
CA THR D 214 -18.38 26.25 -20.99
C THR D 214 -19.90 26.29 -21.11
N GLU D 215 -20.63 25.51 -20.29
CA GLU D 215 -22.06 25.36 -20.44
C GLU D 215 -22.78 26.39 -19.59
N ASN D 216 -22.19 26.83 -18.50
CA ASN D 216 -22.82 27.90 -17.70
C ASN D 216 -22.23 29.31 -17.85
N CYS D 217 -21.09 29.46 -18.49
CA CYS D 217 -20.42 30.77 -18.46
C CYS D 217 -21.28 31.97 -18.99
N SER D 218 -21.93 31.77 -20.12
CA SER D 218 -22.86 32.85 -20.63
C SER D 218 -23.97 33.23 -19.69
N SER D 219 -24.64 32.24 -19.05
CA SER D 219 -25.68 32.59 -18.08
C SER D 219 -25.19 33.44 -16.89
N LEU D 220 -23.91 33.21 -16.52
CA LEU D 220 -23.34 33.91 -15.38
C LEU D 220 -22.92 35.33 -15.72
N ILE D 221 -22.16 35.46 -16.84
CA ILE D 221 -21.57 36.75 -17.27
C ILE D 221 -22.66 37.81 -17.63
N GLN D 222 -23.75 37.26 -18.14
CA GLN D 222 -24.97 38.10 -18.46
C GLN D 222 -25.59 38.78 -17.23
N GLN D 223 -25.30 38.29 -16.03
CA GLN D 223 -25.92 38.84 -14.83
C GLN D 223 -25.35 40.20 -14.58
N GLU D 224 -26.21 41.12 -14.10
CA GLU D 224 -25.83 42.52 -14.03
C GLU D 224 -24.64 42.75 -13.14
N ASP D 225 -24.51 41.95 -12.04
CA ASP D 225 -23.46 42.24 -11.09
C ASP D 225 -22.26 41.27 -11.09
N ILE D 226 -22.26 40.31 -12.01
CA ILE D 226 -21.15 39.37 -12.18
C ILE D 226 -20.26 39.87 -13.32
N ASP D 227 -18.95 40.08 -13.08
CA ASP D 227 -18.11 40.86 -14.06
C ASP D 227 -17.00 39.93 -14.61
N GLY D 228 -17.16 38.63 -14.35
CA GLY D 228 -16.25 37.59 -14.89
C GLY D 228 -16.12 36.51 -13.85
N PHE D 229 -15.00 35.76 -13.92
CA PHE D 229 -14.98 34.49 -13.25
C PHE D 229 -13.59 34.26 -12.79
N LEU D 230 -13.47 33.56 -11.66
CA LEU D 230 -12.14 32.93 -11.28
C LEU D 230 -12.40 31.48 -11.52
N VAL D 231 -11.81 30.93 -12.60
CA VAL D 231 -12.18 29.61 -13.11
C VAL D 231 -11.22 28.46 -12.66
N GLY D 232 -11.82 27.38 -12.14
CA GLY D 232 -11.01 26.20 -11.75
C GLY D 232 -10.57 25.23 -12.85
N ASN D 233 -10.99 23.98 -12.66
CA ASN D 233 -10.58 22.94 -13.60
C ASN D 233 -10.92 23.19 -15.09
N ALA D 234 -11.97 23.96 -15.38
CA ALA D 234 -12.27 24.24 -16.78
C ALA D 234 -11.15 25.06 -17.48
N SER D 235 -10.35 25.77 -16.66
CA SER D 235 -9.23 26.56 -17.22
C SER D 235 -7.98 25.72 -17.55
N LEU D 236 -7.96 24.42 -17.18
CA LEU D 236 -6.89 23.53 -17.60
C LEU D 236 -7.13 22.88 -18.94
N LYS D 237 -8.25 23.20 -19.58
CA LYS D 237 -8.63 22.63 -20.87
C LYS D 237 -8.54 23.70 -21.96
N GLU D 238 -8.25 23.26 -23.16
CA GLU D 238 -8.21 24.18 -24.33
C GLU D 238 -9.54 24.99 -24.53
N SER D 239 -10.66 24.40 -24.14
CA SER D 239 -11.99 25.04 -24.26
C SER D 239 -12.18 26.23 -23.35
N PHE D 240 -11.23 26.48 -22.45
CA PHE D 240 -11.26 27.69 -21.69
C PHE D 240 -11.35 28.89 -22.66
N VAL D 241 -10.85 28.71 -23.86
CA VAL D 241 -10.99 29.83 -24.84
C VAL D 241 -12.47 30.22 -25.04
N ASP D 242 -13.43 29.27 -24.90
CA ASP D 242 -14.87 29.60 -25.14
C ASP D 242 -15.41 30.27 -23.92
N ILE D 243 -14.82 29.93 -22.78
CA ILE D 243 -15.13 30.68 -21.64
C ILE D 243 -14.70 32.13 -21.82
N ILE D 244 -13.48 32.37 -22.32
CA ILE D 244 -13.02 33.75 -22.50
C ILE D 244 -13.96 34.44 -23.52
N LYS D 245 -14.23 33.74 -24.62
CA LYS D 245 -15.22 34.27 -25.67
C LYS D 245 -16.56 34.79 -25.12
N SER D 246 -17.08 34.18 -24.04
CA SER D 246 -18.37 34.53 -23.46
C SER D 246 -18.35 35.90 -22.84
N ALA D 247 -17.14 36.35 -22.58
CA ALA D 247 -16.94 37.67 -22.04
C ALA D 247 -16.53 38.67 -23.11
N MET D 248 -16.41 38.25 -24.37
CA MET D 248 -15.94 39.15 -25.46
C MET D 248 -17.10 39.86 -26.15
C1 EDO E . 18.41 29.03 9.24
O1 EDO E . 17.08 29.22 9.83
C2 EDO E . 18.35 28.60 7.77
O2 EDO E . 17.50 27.49 7.64
C1 EDO F . 34.18 15.61 2.62
O1 EDO F . 32.78 15.76 2.25
C2 EDO F . 34.32 14.85 3.93
O2 EDO F . 34.03 13.47 3.67
NA NA G . 31.93 17.12 11.28
S SO4 H . 20.41 33.65 10.69
O1 SO4 H . 19.82 34.06 9.40
O2 SO4 H . 19.59 32.53 11.29
O3 SO4 H . 21.78 33.12 10.63
O4 SO4 H . 20.54 34.93 11.48
C1 EDO I . -7.76 -25.37 2.12
O1 EDO I . -6.60 -25.28 1.28
C2 EDO I . -7.25 -25.47 3.54
O2 EDO I . -6.16 -26.38 3.51
C1 EDO J . -4.20 -32.40 2.26
O1 EDO J . -3.15 -31.71 1.57
C2 EDO J . -5.47 -32.51 1.41
O2 EDO J . -5.65 -31.37 0.56
C1 EDO K . -0.40 -16.97 12.92
O1 EDO K . -0.79 -16.72 11.53
C2 EDO K . 1.08 -16.56 13.14
O2 EDO K . 1.94 -16.85 11.98
NA NA L . -6.16 -0.60 18.58
S SO4 M . 4.03 -17.94 17.27
O1 SO4 M . 3.29 -19.04 16.66
O2 SO4 M . 5.23 -18.58 17.94
O3 SO4 M . 4.30 -16.88 16.26
O4 SO4 M . 3.27 -17.18 18.28
C1 EDO N . -6.93 -39.11 -12.82
O1 EDO N . -6.06 -37.94 -12.98
C2 EDO N . -7.27 -39.41 -11.38
O2 EDO N . -6.12 -39.34 -10.52
NA NA O . -4.84 -57.07 -14.33
S SO4 P . -10.27 -38.11 -16.49
O1 SO4 P . -11.00 -39.26 -17.03
O2 SO4 P . -9.05 -38.69 -15.82
O3 SO4 P . -9.97 -37.24 -17.64
O4 SO4 P . -11.04 -37.25 -15.62
C1 EDO Q . 2.96 32.06 -3.88
O1 EDO Q . 2.80 32.17 -2.45
C2 EDO Q . 2.02 30.98 -4.32
O2 EDO Q . 2.67 29.75 -4.02
C1 EDO R . -12.25 27.79 -8.38
O1 EDO R . -12.09 27.40 -6.97
C2 EDO R . -11.01 28.56 -8.87
O2 EDO R . -10.61 29.55 -7.94
NA NA S . -22.32 40.92 -16.12
S SO4 T . -14.09 23.69 -10.34
O1 SO4 T . -12.69 23.19 -10.51
O2 SO4 T . -14.17 25.14 -10.07
O3 SO4 T . -14.76 23.37 -11.62
O4 SO4 T . -14.86 22.95 -9.30
#